data_8WWW
#
_entry.id   8WWW
#
_cell.length_a   189.998
_cell.length_b   77.308
_cell.length_c   102.648
_cell.angle_alpha   90.00
_cell.angle_beta   118.86
_cell.angle_gamma   90.00
#
_symmetry.space_group_name_H-M   'C 1 2 1'
#
loop_
_entity.id
_entity.type
_entity.pdbx_description
1 polymer 'Carrier domain-containing protein'
2 non-polymer '[(2R,3S,4R,5R)-5-(6-aminopurin-9-yl)-3,4-bis(oxidanyl)oxolan-2-yl]methyl N-[(2R)-2-azanylpropanoyl]sulfamate'
3 non-polymer 'DIMETHYL SULFOXIDE'
4 non-polymer 'SULFATE ION'
5 non-polymer GLYCEROL
6 water water
#
_entity_poly.entity_id   1
_entity_poly.type   'polypeptide(L)'
_entity_poly.pdbx_seq_one_letter_code
;VNMLVKALEERADAVPDLTALECEGVELTFRAVHERANRLARHLVASGVGPDRVVAVMLPRSTDLLVTLLAVLKAGGAYL
ALDPEHPAERVAFQVRDAAPVVLVTSARIDADRTDLGIARVVLDDPGTAETLAALPAGHLTDAERAAPAGPEDLAYVIYT
SGSTGTPKGVEIPVRALHNLLEAMRERLSLGPGDRMLSVTTATFDMSVPELFLPYYTGARAVIAPRATGQDPRELGDLIV
RREIGTAQATPTHWHMLATVSPEALRGLRILIGGEALSEKLAATLLDLGAEVVQWYGPTETTVWSTVHPVTGPADAAVIG
KPLRNTRLYVLDEDLVPVEQGTEGELFIAGAGVARGYLNRPELTAERFLPDRFGTGDALMYRTGDVVRMRPDGDLEYVGR
ADHQVKLHGFRVELGEIEAALERSEDVDQASATVREDRPGDRRLVAYVTAATGRVPDVRELRNFVAQTLPLYMVPTAVVA
LEEFPLTPNGKLDRKALPAPV
;
_entity_poly.pdbx_strand_id   A,B
#
# COMPACT_ATOMS: atom_id res chain seq x y z
N VAL A 1 -47.33 -7.16 39.85
CA VAL A 1 -46.77 -7.29 38.50
C VAL A 1 -45.25 -7.04 38.51
N ASN A 2 -44.74 -6.49 39.62
CA ASN A 2 -43.30 -6.38 39.83
C ASN A 2 -42.85 -7.70 40.44
N MET A 3 -42.50 -8.64 39.57
CA MET A 3 -41.97 -9.90 40.03
C MET A 3 -40.56 -9.77 40.57
N LEU A 4 -39.84 -8.72 40.17
CA LEU A 4 -38.48 -8.55 40.63
C LEU A 4 -38.43 -8.43 42.14
N VAL A 5 -39.20 -7.50 42.71
CA VAL A 5 -39.14 -7.32 44.15
C VAL A 5 -39.66 -8.55 44.85
N LYS A 6 -40.73 -9.14 44.31
CA LYS A 6 -41.27 -10.36 44.90
C LYS A 6 -40.24 -11.49 44.87
N ALA A 7 -39.49 -11.64 43.78
CA ALA A 7 -38.43 -12.65 43.76
C ALA A 7 -37.34 -12.31 44.75
N LEU A 8 -36.84 -11.07 44.72
CA LEU A 8 -35.83 -10.65 45.68
C LEU A 8 -36.26 -10.99 47.10
N GLU A 9 -37.53 -10.72 47.42
CA GLU A 9 -37.96 -10.92 48.78
C GLU A 9 -38.23 -12.39 49.07
N GLU A 10 -38.82 -13.11 48.11
CA GLU A 10 -38.89 -14.56 48.19
C GLU A 10 -37.53 -15.13 48.55
N ARG A 11 -36.45 -14.55 48.03
CA ARG A 11 -35.13 -15.09 48.31
C ARG A 11 -34.71 -14.78 49.75
N ALA A 12 -34.93 -13.54 50.20
CA ALA A 12 -34.52 -13.16 51.54
C ALA A 12 -35.28 -13.91 52.60
N ASP A 13 -36.52 -14.29 52.30
CA ASP A 13 -37.31 -15.06 53.26
C ASP A 13 -36.88 -16.52 53.32
N ALA A 14 -36.18 -16.99 52.30
CA ALA A 14 -35.74 -18.37 52.25
C ALA A 14 -34.30 -18.54 52.67
N VAL A 15 -33.56 -17.45 52.86
CA VAL A 15 -32.23 -17.53 53.45
C VAL A 15 -32.02 -16.35 54.39
N PRO A 16 -32.91 -16.11 55.36
CA PRO A 16 -32.77 -14.87 56.15
C PRO A 16 -31.41 -14.71 56.81
N ASP A 17 -30.81 -15.80 57.28
CA ASP A 17 -29.62 -15.73 58.12
C ASP A 17 -28.32 -16.04 57.38
N LEU A 18 -28.35 -16.14 56.05
CA LEU A 18 -27.10 -16.20 55.30
C LEU A 18 -26.53 -14.80 55.11
N THR A 19 -25.27 -14.71 54.70
CA THR A 19 -24.70 -13.41 54.41
C THR A 19 -25.00 -13.01 52.96
N ALA A 20 -25.52 -11.80 52.78
CA ALA A 20 -25.75 -11.24 51.46
C ALA A 20 -24.74 -10.18 51.05
N LEU A 21 -24.16 -9.44 52.00
CA LEU A 21 -23.10 -8.47 51.68
C LEU A 21 -21.97 -8.64 52.68
N GLU A 22 -20.77 -8.31 52.21
CA GLU A 22 -19.56 -8.37 53.02
C GLU A 22 -18.63 -7.28 52.53
N CYS A 23 -18.23 -6.37 53.41
CA CYS A 23 -17.34 -5.30 53.01
C CYS A 23 -16.38 -4.97 54.13
N GLU A 24 -15.11 -5.39 53.98
CA GLU A 24 -14.03 -5.04 54.88
C GLU A 24 -14.26 -5.67 56.27
N GLY A 25 -14.43 -6.99 56.27
CA GLY A 25 -14.69 -7.70 57.51
C GLY A 25 -16.04 -7.43 58.14
N VAL A 26 -16.93 -6.69 57.49
CA VAL A 26 -18.31 -6.52 57.94
C VAL A 26 -19.19 -7.37 57.05
N GLU A 27 -20.08 -8.14 57.66
CA GLU A 27 -21.06 -8.90 56.90
C GLU A 27 -22.45 -8.48 57.34
N LEU A 28 -23.37 -8.49 56.38
CA LEU A 28 -24.80 -8.29 56.60
C LEU A 28 -25.56 -9.54 56.18
N THR A 29 -26.64 -9.83 56.88
CA THR A 29 -27.45 -10.99 56.51
C THR A 29 -28.55 -10.52 55.57
N PHE A 30 -29.25 -11.50 54.99
CA PHE A 30 -30.35 -11.16 54.10
C PHE A 30 -31.44 -10.43 54.88
N ARG A 31 -31.78 -10.94 56.06
CA ARG A 31 -32.77 -10.24 56.88
C ARG A 31 -32.30 -8.82 57.20
N ALA A 32 -31.02 -8.66 57.54
CA ALA A 32 -30.51 -7.33 57.88
C ALA A 32 -30.53 -6.40 56.67
N VAL A 33 -30.08 -6.89 55.51
CA VAL A 33 -30.07 -6.06 54.29
C VAL A 33 -31.46 -5.52 54.00
N HIS A 34 -32.48 -6.39 54.12
CA HIS A 34 -33.84 -6.03 53.70
C HIS A 34 -34.55 -5.16 54.73
N GLU A 35 -34.40 -5.47 56.01
CA GLU A 35 -34.91 -4.60 57.05
C GLU A 35 -34.37 -3.20 56.87
N ARG A 36 -33.06 -3.09 56.66
CA ARG A 36 -32.44 -1.80 56.43
C ARG A 36 -33.00 -1.12 55.18
N ALA A 37 -33.12 -1.89 54.08
CA ALA A 37 -33.65 -1.35 52.84
C ALA A 37 -35.15 -1.05 52.94
N ASN A 38 -35.92 -1.91 53.61
CA ASN A 38 -37.36 -1.61 53.78
C ASN A 38 -37.58 -0.25 54.43
N ARG A 39 -36.79 0.07 55.45
CA ARG A 39 -37.03 1.33 56.16
C ARG A 39 -36.82 2.52 55.23
N LEU A 40 -35.70 2.53 54.50
CA LEU A 40 -35.46 3.55 53.48
C LEU A 40 -36.59 3.60 52.46
N ALA A 41 -37.04 2.42 52.00
CA ALA A 41 -38.09 2.38 50.98
C ALA A 41 -39.35 3.07 51.45
N ARG A 42 -39.68 2.97 52.73
CA ARG A 42 -40.83 3.71 53.26
C ARG A 42 -40.53 5.21 53.28
N HIS A 43 -39.36 5.57 53.81
CA HIS A 43 -38.94 6.98 53.83
C HIS A 43 -38.87 7.57 52.43
N LEU A 44 -38.41 6.76 51.46
CA LEU A 44 -38.45 7.22 50.07
C LEU A 44 -39.88 7.47 49.63
N VAL A 45 -40.77 6.52 49.90
CA VAL A 45 -42.15 6.67 49.43
C VAL A 45 -42.74 7.96 49.99
N ALA A 46 -42.32 8.36 51.18
CA ALA A 46 -42.69 9.64 51.75
C ALA A 46 -41.94 10.80 51.10
N SER A 47 -40.84 10.54 50.41
CA SER A 47 -40.08 11.60 49.75
C SER A 47 -40.49 11.80 48.29
N GLY A 48 -41.61 11.23 47.87
CA GLY A 48 -42.10 11.42 46.52
C GLY A 48 -41.71 10.37 45.51
N VAL A 49 -41.26 9.20 45.95
CA VAL A 49 -40.95 8.14 45.00
C VAL A 49 -42.21 7.37 44.68
N GLY A 50 -42.36 7.04 43.41
CA GLY A 50 -43.45 6.24 42.90
C GLY A 50 -42.98 5.57 41.63
N PRO A 51 -43.87 4.87 40.93
CA PRO A 51 -43.47 4.24 39.67
C PRO A 51 -43.00 5.28 38.66
N ASP A 52 -41.96 4.91 37.90
CA ASP A 52 -41.36 5.78 36.89
C ASP A 52 -40.89 7.10 37.50
N ARG A 53 -40.39 7.08 38.74
CA ARG A 53 -39.77 8.27 39.31
C ARG A 53 -38.35 7.94 39.72
N VAL A 54 -37.47 8.90 39.49
CA VAL A 54 -36.03 8.68 39.53
C VAL A 54 -35.49 9.16 40.87
N VAL A 55 -34.71 8.30 41.50
CA VAL A 55 -34.10 8.54 42.79
C VAL A 55 -32.60 8.64 42.55
N ALA A 56 -32.03 9.85 42.63
CA ALA A 56 -30.60 9.97 42.41
C ALA A 56 -29.84 9.42 43.62
N VAL A 57 -28.75 8.71 43.35
CA VAL A 57 -27.99 8.05 44.39
C VAL A 57 -26.52 8.38 44.22
N MET A 58 -25.92 9.01 45.25
CA MET A 58 -24.50 9.39 45.23
C MET A 58 -23.82 8.84 46.47
N LEU A 59 -23.28 7.63 46.35
CA LEU A 59 -22.71 6.98 47.50
C LEU A 59 -21.46 6.24 47.06
N PRO A 60 -20.41 6.30 47.85
CA PRO A 60 -19.25 5.43 47.61
C PRO A 60 -19.64 3.97 47.50
N ARG A 61 -18.78 3.20 46.84
CA ARG A 61 -18.90 1.74 46.82
C ARG A 61 -18.82 1.23 48.25
N SER A 62 -19.90 0.61 48.72
CA SER A 62 -20.09 0.29 50.12
C SER A 62 -21.37 -0.54 50.23
N THR A 63 -21.52 -1.24 51.37
CA THR A 63 -22.79 -1.88 51.64
C THR A 63 -23.90 -0.85 51.66
N ASP A 64 -23.56 0.37 52.10
CA ASP A 64 -24.51 1.47 52.11
C ASP A 64 -25.06 1.77 50.71
N LEU A 65 -24.25 1.54 49.66
CA LEU A 65 -24.78 1.74 48.31
C LEU A 65 -25.67 0.58 47.88
N LEU A 66 -25.21 -0.64 48.07
CA LEU A 66 -25.98 -1.81 47.66
C LEU A 66 -27.34 -1.89 48.35
N VAL A 67 -27.44 -1.38 49.58
CA VAL A 67 -28.72 -1.43 50.29
C VAL A 67 -29.69 -0.44 49.68
N THR A 68 -29.19 0.76 49.33
CA THR A 68 -30.00 1.85 48.78
C THR A 68 -30.65 1.49 47.45
N LEU A 69 -29.86 0.94 46.50
CA LEU A 69 -30.44 0.54 45.21
C LEU A 69 -31.57 -0.46 45.42
N LEU A 70 -31.36 -1.44 46.29
CA LEU A 70 -32.43 -2.36 46.63
C LEU A 70 -33.63 -1.62 47.19
N ALA A 71 -33.38 -0.62 48.04
CA ALA A 71 -34.49 0.11 48.60
C ALA A 71 -35.29 0.79 47.50
N VAL A 72 -34.59 1.35 46.50
CA VAL A 72 -35.26 2.12 45.46
C VAL A 72 -36.26 1.25 44.71
N LEU A 73 -35.87 0.03 44.38
CA LEU A 73 -36.77 -0.93 43.73
C LEU A 73 -37.96 -1.25 44.63
N LYS A 74 -37.69 -1.58 45.91
CA LYS A 74 -38.75 -1.86 46.85
C LYS A 74 -39.74 -0.72 46.92
N ALA A 75 -39.24 0.52 46.84
CA ALA A 75 -40.09 1.71 46.81
C ALA A 75 -40.84 1.86 45.49
N GLY A 76 -40.55 1.02 44.50
CA GLY A 76 -41.18 1.16 43.21
C GLY A 76 -40.58 2.23 42.32
N GLY A 77 -39.47 2.84 42.72
CA GLY A 77 -38.84 3.88 41.95
C GLY A 77 -37.74 3.33 41.05
N ALA A 78 -37.03 4.25 40.44
CA ALA A 78 -35.92 3.89 39.57
C ALA A 78 -34.72 4.75 39.94
N TYR A 79 -33.54 4.16 39.94
CA TYR A 79 -32.37 4.80 40.51
C TYR A 79 -31.44 5.32 39.42
N LEU A 80 -30.90 6.50 39.66
CA LEU A 80 -29.84 7.06 38.83
C LEU A 80 -28.60 7.22 39.70
N ALA A 81 -27.58 6.41 39.42
CA ALA A 81 -26.36 6.39 40.19
C ALA A 81 -25.42 7.51 39.71
N LEU A 82 -25.14 8.44 40.60
CA LEU A 82 -24.19 9.52 40.37
C LEU A 82 -22.83 9.10 40.94
N ASP A 83 -21.80 9.86 40.58
CA ASP A 83 -20.43 9.55 40.97
C ASP A 83 -19.87 10.68 41.82
N PRO A 84 -19.52 10.43 43.09
CA PRO A 84 -19.10 11.52 43.96
C PRO A 84 -17.71 12.09 43.65
N GLU A 85 -16.98 11.51 42.71
CA GLU A 85 -15.76 12.14 42.24
C GLU A 85 -15.94 12.81 40.90
N HIS A 86 -17.14 12.81 40.38
CA HIS A 86 -17.34 13.41 39.07
C HIS A 86 -17.42 14.92 39.19
N PRO A 87 -16.81 15.64 38.25
CA PRO A 87 -17.02 17.10 38.16
C PRO A 87 -18.48 17.48 38.24
N ALA A 88 -18.76 18.62 38.86
CA ALA A 88 -20.14 19.03 39.05
C ALA A 88 -20.93 18.98 37.75
N GLU A 89 -20.29 19.21 36.60
CA GLU A 89 -21.07 19.33 35.37
C GLU A 89 -21.57 17.96 34.88
N ARG A 90 -20.71 16.93 34.86
CA ARG A 90 -21.22 15.60 34.47
C ARG A 90 -22.47 15.28 35.28
N VAL A 91 -22.40 15.51 36.59
CA VAL A 91 -23.51 15.23 37.49
C VAL A 91 -24.67 16.19 37.28
N ALA A 92 -24.40 17.47 36.94
CA ALA A 92 -25.47 18.45 36.78
C ALA A 92 -26.28 18.22 35.51
N PHE A 93 -25.63 17.74 34.45
CA PHE A 93 -26.39 17.38 33.25
C PHE A 93 -27.39 16.27 33.57
N GLN A 94 -26.92 15.22 34.24
CA GLN A 94 -27.77 14.07 34.51
C GLN A 94 -28.95 14.47 35.39
N VAL A 95 -28.70 15.32 36.38
CA VAL A 95 -29.81 15.72 37.23
C VAL A 95 -30.81 16.56 36.45
N ARG A 96 -30.33 17.46 35.58
CA ARG A 96 -31.29 18.27 34.84
C ARG A 96 -32.12 17.41 33.90
N ASP A 97 -31.50 16.39 33.31
CA ASP A 97 -32.17 15.60 32.28
C ASP A 97 -33.20 14.66 32.90
N ALA A 98 -32.85 13.99 33.99
CA ALA A 98 -33.68 12.89 34.49
C ALA A 98 -34.73 13.33 35.52
N ALA A 99 -34.69 14.60 35.96
CA ALA A 99 -35.51 15.18 37.03
C ALA A 99 -35.70 14.23 38.21
N PRO A 100 -34.63 13.93 38.96
CA PRO A 100 -34.78 13.09 40.15
C PRO A 100 -35.60 13.77 41.22
N VAL A 101 -36.42 12.95 41.86
CA VAL A 101 -37.29 13.40 42.94
C VAL A 101 -36.50 13.60 44.23
N VAL A 102 -35.53 12.73 44.48
CA VAL A 102 -34.78 12.74 45.73
C VAL A 102 -33.39 12.22 45.42
N LEU A 103 -32.40 12.80 46.11
CA LEU A 103 -31.03 12.32 46.12
C LEU A 103 -30.73 11.60 47.43
N VAL A 104 -30.42 10.30 47.36
CA VAL A 104 -29.94 9.57 48.53
C VAL A 104 -28.43 9.73 48.58
N THR A 105 -27.90 10.20 49.68
CA THR A 105 -26.47 10.46 49.69
C THR A 105 -25.93 10.36 51.12
N SER A 106 -24.70 10.82 51.29
CA SER A 106 -23.92 10.64 52.50
C SER A 106 -23.29 11.97 52.89
N ALA A 107 -23.20 12.20 54.20
CA ALA A 107 -22.71 13.47 54.70
C ALA A 107 -21.18 13.57 54.73
N ARG A 108 -20.44 12.49 54.39
CA ARG A 108 -18.99 12.52 54.32
C ARG A 108 -18.47 12.98 52.96
N ILE A 109 -19.31 12.94 51.93
CA ILE A 109 -19.06 13.63 50.66
C ILE A 109 -19.19 15.12 50.89
N ASP A 110 -18.35 15.93 50.23
CA ASP A 110 -18.39 17.39 50.42
C ASP A 110 -19.78 17.91 50.11
N ALA A 111 -20.32 18.71 51.03
CA ALA A 111 -21.72 19.16 50.90
C ALA A 111 -21.99 19.88 49.58
N ASP A 112 -20.95 20.38 48.90
CA ASP A 112 -21.12 21.07 47.62
C ASP A 112 -21.34 20.10 46.46
N ARG A 113 -20.83 18.88 46.57
CA ARG A 113 -21.10 17.87 45.56
C ARG A 113 -22.54 17.38 45.60
N THR A 114 -23.24 17.56 46.73
CA THR A 114 -24.60 17.08 46.85
C THR A 114 -25.62 18.21 46.79
N ASP A 115 -25.15 19.45 46.78
CA ASP A 115 -25.99 20.65 46.60
C ASP A 115 -26.37 20.74 45.13
N LEU A 116 -27.39 19.95 44.74
CA LEU A 116 -27.77 19.86 43.33
C LEU A 116 -29.17 20.36 43.02
N GLY A 117 -29.91 20.88 43.98
CA GLY A 117 -31.26 21.32 43.68
C GLY A 117 -32.34 20.31 43.99
N ILE A 118 -31.98 19.11 44.45
CA ILE A 118 -32.95 18.10 44.79
C ILE A 118 -33.07 18.05 46.31
N ALA A 119 -34.23 17.55 46.76
CA ALA A 119 -34.35 17.10 48.14
C ALA A 119 -33.29 16.07 48.45
N ARG A 120 -32.82 16.06 49.70
CA ARG A 120 -31.77 15.13 50.11
C ARG A 120 -32.30 14.18 51.17
N VAL A 121 -32.02 12.90 51.01
CA VAL A 121 -32.13 11.94 52.08
C VAL A 121 -30.71 11.47 52.39
N VAL A 122 -30.16 11.97 53.50
CA VAL A 122 -28.76 11.73 53.85
C VAL A 122 -28.69 10.68 54.94
N LEU A 123 -28.14 9.51 54.61
CA LEU A 123 -28.22 8.33 55.45
C LEU A 123 -27.49 8.51 56.78
N ASP A 124 -26.33 9.16 56.72
CA ASP A 124 -25.47 9.34 57.91
C ASP A 124 -25.77 10.64 58.63
N ASP A 125 -26.93 11.22 58.41
CA ASP A 125 -27.29 12.43 59.17
C ASP A 125 -27.96 12.02 60.48
N PRO A 126 -27.40 12.42 61.64
CA PRO A 126 -28.08 12.16 62.89
C PRO A 126 -29.44 12.80 62.75
N GLY A 127 -30.49 11.99 62.68
CA GLY A 127 -31.84 12.52 62.45
C GLY A 127 -32.49 11.76 61.32
N THR A 128 -31.92 11.84 60.13
CA THR A 128 -32.42 10.99 59.06
C THR A 128 -32.18 9.58 59.54
N ALA A 129 -31.00 9.32 60.11
CA ALA A 129 -30.74 8.02 60.72
C ALA A 129 -31.76 7.66 61.79
N GLU A 130 -32.17 8.64 62.59
CA GLU A 130 -33.16 8.37 63.65
C GLU A 130 -34.51 8.07 63.00
N THR A 131 -34.98 8.95 62.12
CA THR A 131 -36.25 8.69 61.45
C THR A 131 -36.21 7.35 60.71
N LEU A 132 -35.14 7.12 59.98
CA LEU A 132 -35.00 5.87 59.23
C LEU A 132 -35.09 4.67 60.17
N ALA A 133 -34.22 4.63 61.18
CA ALA A 133 -34.16 3.45 62.04
C ALA A 133 -35.42 3.29 62.87
N ALA A 134 -36.30 4.30 62.89
CA ALA A 134 -37.56 4.22 63.60
C ALA A 134 -38.70 3.70 62.76
N LEU A 135 -38.58 3.69 61.42
CA LEU A 135 -39.71 3.29 60.58
C LEU A 135 -39.96 1.79 60.71
N PRO A 136 -41.19 1.34 60.47
CA PRO A 136 -41.43 -0.10 60.37
C PRO A 136 -40.55 -0.73 59.29
N ALA A 137 -40.00 -1.90 59.59
CA ALA A 137 -38.95 -2.51 58.77
C ALA A 137 -39.39 -3.77 58.04
N GLY A 138 -40.71 -4.02 57.91
CA GLY A 138 -41.15 -5.19 57.16
C GLY A 138 -41.20 -4.96 55.65
N HIS A 139 -41.27 -6.06 54.90
CA HIS A 139 -41.48 -5.91 53.47
C HIS A 139 -42.74 -5.09 53.21
N LEU A 140 -42.73 -4.33 52.13
CA LEU A 140 -43.80 -3.37 51.87
C LEU A 140 -44.97 -4.08 51.20
N THR A 141 -46.16 -3.89 51.74
CA THR A 141 -47.33 -4.19 50.95
C THR A 141 -47.45 -3.11 49.88
N ASP A 142 -48.19 -3.40 48.82
CA ASP A 142 -48.46 -2.36 47.84
C ASP A 142 -49.29 -1.22 48.42
N ALA A 143 -49.98 -1.47 49.54
CA ALA A 143 -50.65 -0.38 50.24
C ALA A 143 -49.65 0.65 50.76
N GLU A 144 -48.47 0.21 51.16
CA GLU A 144 -47.45 1.13 51.62
C GLU A 144 -46.66 1.73 50.47
N ARG A 145 -46.88 1.28 49.24
CA ARG A 145 -46.26 1.94 48.10
C ARG A 145 -47.10 3.17 47.71
N ALA A 146 -46.58 3.93 46.75
CA ALA A 146 -47.36 5.03 46.19
C ALA A 146 -48.42 4.51 45.22
N ALA A 147 -48.08 3.46 44.49
CA ALA A 147 -48.96 2.81 43.52
C ALA A 147 -48.35 1.47 43.16
N PRO A 148 -49.16 0.53 42.70
CA PRO A 148 -48.63 -0.76 42.25
C PRO A 148 -47.58 -0.57 41.16
N ALA A 149 -46.57 -1.43 41.17
CA ALA A 149 -45.48 -1.33 40.23
C ALA A 149 -45.72 -2.27 39.07
N GLY A 150 -45.70 -1.72 37.85
CA GLY A 150 -45.87 -2.52 36.66
C GLY A 150 -44.58 -3.17 36.16
N PRO A 151 -44.71 -3.99 35.11
CA PRO A 151 -43.51 -4.58 34.50
C PRO A 151 -42.80 -3.57 33.62
N GLU A 152 -43.53 -2.56 33.14
CA GLU A 152 -42.95 -1.49 32.36
C GLU A 152 -42.29 -0.42 33.20
N ASP A 153 -42.53 -0.42 34.53
CA ASP A 153 -41.94 0.59 35.39
C ASP A 153 -40.43 0.54 35.28
N LEU A 154 -39.81 1.72 35.31
CA LEU A 154 -38.37 1.80 35.21
C LEU A 154 -37.69 1.16 36.41
N ALA A 155 -36.59 0.46 36.16
CA ALA A 155 -35.71 0.04 37.24
C ALA A 155 -34.60 1.06 37.46
N TYR A 156 -34.03 1.57 36.37
CA TYR A 156 -32.88 2.43 36.48
C TYR A 156 -32.66 3.18 35.19
N VAL A 157 -31.94 4.29 35.31
CA VAL A 157 -31.56 5.11 34.19
C VAL A 157 -30.05 5.15 34.22
N ILE A 158 -29.44 4.54 33.26
CA ILE A 158 -28.00 4.63 33.05
C ILE A 158 -27.77 5.65 31.94
N TYR A 159 -26.67 6.39 32.02
CA TYR A 159 -26.37 7.38 31.00
C TYR A 159 -25.26 6.89 30.07
N THR A 160 -25.36 7.28 28.80
CA THR A 160 -24.44 6.73 27.79
C THR A 160 -23.21 7.59 27.63
N SER A 161 -22.12 6.97 27.20
CA SER A 161 -20.87 7.70 26.94
C SER A 161 -20.85 8.11 25.47
N GLY A 162 -21.46 9.26 25.16
CA GLY A 162 -21.50 9.74 23.77
C GLY A 162 -20.13 10.11 23.26
N SER A 163 -19.86 9.89 21.98
CA SER A 163 -18.57 10.32 21.40
C SER A 163 -18.52 11.84 21.50
N THR A 164 -17.88 12.37 22.56
CA THR A 164 -17.85 13.84 22.81
C THR A 164 -19.18 14.44 22.39
N GLY A 165 -20.28 13.77 22.72
CA GLY A 165 -21.61 14.25 22.33
C GLY A 165 -22.57 14.20 23.50
N THR A 166 -23.70 14.91 23.40
CA THR A 166 -24.66 14.96 24.51
C THR A 166 -24.84 13.55 25.04
N PRO A 167 -24.62 13.32 26.35
CA PRO A 167 -24.86 12.01 26.91
C PRO A 167 -26.31 11.63 26.73
N LYS A 168 -26.55 10.39 26.31
CA LYS A 168 -27.93 9.88 26.15
C LYS A 168 -28.31 9.09 27.40
N GLY A 169 -29.55 9.23 27.86
CA GLY A 169 -30.00 8.46 29.03
C GLY A 169 -30.83 7.26 28.64
N VAL A 170 -30.40 6.07 29.04
CA VAL A 170 -31.13 4.83 28.68
C VAL A 170 -32.08 4.47 29.82
N GLU A 171 -33.33 4.14 29.47
CA GLU A 171 -34.37 3.78 30.45
C GLU A 171 -34.60 2.27 30.41
N ILE A 172 -34.20 1.59 31.48
CA ILE A 172 -34.28 0.14 31.56
C ILE A 172 -35.49 -0.24 32.39
N PRO A 173 -36.46 -0.99 31.83
CA PRO A 173 -37.63 -1.40 32.62
C PRO A 173 -37.29 -2.49 33.63
N VAL A 174 -38.24 -2.74 34.54
CA VAL A 174 -38.06 -3.83 35.50
C VAL A 174 -38.09 -5.17 34.79
N ARG A 175 -38.99 -5.36 33.82
CA ARG A 175 -39.06 -6.66 33.16
C ARG A 175 -37.75 -7.00 32.47
N ALA A 176 -36.94 -5.99 32.16
CA ALA A 176 -35.70 -6.20 31.44
C ALA A 176 -34.56 -6.59 32.38
N LEU A 177 -34.44 -5.86 33.49
CA LEU A 177 -33.49 -6.24 34.52
C LEU A 177 -33.86 -7.58 35.16
N HIS A 178 -35.14 -7.78 35.48
CA HIS A 178 -35.58 -9.08 35.98
C HIS A 178 -35.21 -10.18 35.00
N ASN A 179 -35.41 -9.94 33.70
CA ASN A 179 -35.10 -10.98 32.73
C ASN A 179 -33.61 -11.29 32.69
N LEU A 180 -32.77 -10.26 32.71
CA LEU A 180 -31.34 -10.48 32.63
C LEU A 180 -30.83 -11.31 33.82
N LEU A 181 -31.25 -10.94 35.04
CA LEU A 181 -30.79 -11.64 36.24
C LEU A 181 -31.24 -13.09 36.25
N GLU A 182 -32.45 -13.36 35.76
CA GLU A 182 -32.93 -14.73 35.73
C GLU A 182 -32.09 -15.55 34.77
N ALA A 183 -31.77 -15.00 33.61
CA ALA A 183 -30.87 -15.68 32.68
C ALA A 183 -29.50 -15.89 33.30
N MET A 184 -29.02 -14.91 34.03
CA MET A 184 -27.69 -15.02 34.59
C MET A 184 -27.65 -16.04 35.72
N ARG A 185 -28.72 -16.12 36.52
CA ARG A 185 -28.77 -17.19 37.51
C ARG A 185 -28.68 -18.55 36.85
N GLU A 186 -29.37 -18.72 35.72
CA GLU A 186 -29.45 -20.00 35.04
C GLU A 186 -28.13 -20.35 34.35
N ARG A 187 -27.50 -19.38 33.69
CA ARG A 187 -26.26 -19.68 33.01
C ARG A 187 -25.12 -19.95 33.98
N LEU A 188 -25.15 -19.35 35.16
CA LEU A 188 -24.02 -19.46 36.09
C LEU A 188 -24.26 -20.47 37.19
N SER A 189 -25.49 -20.95 37.34
CA SER A 189 -25.93 -21.81 38.44
C SER A 189 -25.62 -21.19 39.80
N LEU A 190 -25.94 -19.90 39.91
CA LEU A 190 -25.53 -19.11 41.05
C LEU A 190 -26.54 -19.26 42.18
N GLY A 191 -26.04 -19.51 43.38
CA GLY A 191 -26.89 -19.59 44.54
C GLY A 191 -26.14 -19.45 45.84
N PRO A 192 -26.78 -19.92 46.92
CA PRO A 192 -26.15 -19.90 48.23
C PRO A 192 -24.83 -20.66 48.24
N GLY A 193 -23.90 -20.16 49.03
CA GLY A 193 -22.55 -20.70 49.05
C GLY A 193 -21.66 -19.84 48.19
N ASP A 194 -22.12 -19.54 46.98
CA ASP A 194 -21.30 -18.85 45.99
C ASP A 194 -21.01 -17.40 46.40
N ARG A 195 -19.80 -16.97 46.10
CA ARG A 195 -19.39 -15.59 46.33
C ARG A 195 -19.10 -14.93 44.99
N MET A 196 -19.63 -13.72 44.82
CA MET A 196 -19.35 -12.93 43.63
C MET A 196 -18.64 -11.66 44.07
N LEU A 197 -17.79 -11.12 43.21
CA LEU A 197 -17.09 -9.89 43.56
C LEU A 197 -17.84 -8.70 42.97
N SER A 198 -18.16 -7.73 43.83
CA SER A 198 -18.78 -6.47 43.43
C SER A 198 -17.72 -5.37 43.45
N VAL A 199 -17.24 -4.96 42.26
CA VAL A 199 -16.16 -3.98 42.17
C VAL A 199 -16.45 -2.84 41.19
N THR A 200 -17.25 -3.12 40.16
CA THR A 200 -17.45 -2.19 39.06
C THR A 200 -18.26 -0.96 39.48
N THR A 201 -17.89 0.20 38.95
CA THR A 201 -18.56 1.44 39.31
C THR A 201 -20.02 1.45 38.86
N ALA A 202 -20.89 1.98 39.73
CA ALA A 202 -22.33 1.93 39.53
C ALA A 202 -22.82 2.73 38.32
N THR A 203 -22.02 3.69 37.85
CA THR A 203 -22.39 4.48 36.66
C THR A 203 -22.12 3.73 35.36
N PHE A 204 -21.44 2.59 35.45
CA PHE A 204 -21.21 1.65 34.35
C PHE A 204 -22.21 0.51 34.50
N ASP A 205 -23.01 0.25 33.46
CA ASP A 205 -24.07 -0.73 33.64
C ASP A 205 -23.55 -2.16 33.82
N MET A 206 -22.26 -2.43 33.55
CA MET A 206 -21.72 -3.74 33.87
C MET A 206 -21.78 -4.03 35.37
N SER A 207 -21.91 -2.99 36.18
CA SER A 207 -22.05 -3.19 37.62
C SER A 207 -23.36 -3.86 37.98
N VAL A 208 -24.43 -3.57 37.21
CA VAL A 208 -25.78 -4.01 37.58
C VAL A 208 -25.85 -5.50 37.95
N PRO A 209 -25.28 -6.43 37.18
CA PRO A 209 -25.20 -7.81 37.69
C PRO A 209 -24.43 -7.95 39.00
N GLU A 210 -23.34 -7.21 39.20
CA GLU A 210 -22.62 -7.35 40.47
C GLU A 210 -23.40 -6.79 41.66
N LEU A 211 -24.44 -5.99 41.41
CA LEU A 211 -25.24 -5.38 42.46
C LEU A 211 -26.47 -6.19 42.82
N PHE A 212 -27.22 -6.70 41.84
CA PHE A 212 -28.47 -7.39 42.15
C PHE A 212 -28.40 -8.91 42.04
N LEU A 213 -27.42 -9.47 41.35
CA LEU A 213 -27.43 -10.92 41.14
C LEU A 213 -27.21 -11.70 42.44
N PRO A 214 -26.34 -11.27 43.36
CA PRO A 214 -26.32 -11.91 44.68
C PRO A 214 -27.65 -11.82 45.40
N TYR A 215 -28.29 -10.64 45.44
CA TYR A 215 -29.62 -10.55 46.02
C TYR A 215 -30.59 -11.55 45.39
N TYR A 216 -30.50 -11.71 44.06
CA TYR A 216 -31.50 -12.46 43.33
C TYR A 216 -31.33 -13.97 43.52
N THR A 217 -30.12 -14.41 43.84
CA THR A 217 -29.82 -15.83 43.84
C THR A 217 -29.51 -16.37 45.23
N GLY A 218 -29.32 -15.50 46.22
CA GLY A 218 -28.83 -15.93 47.52
C GLY A 218 -27.34 -16.15 47.58
N ALA A 219 -26.58 -15.59 46.65
CA ALA A 219 -25.14 -15.65 46.76
C ALA A 219 -24.72 -14.52 47.69
N ARG A 220 -23.44 -14.17 47.67
CA ARG A 220 -22.88 -13.16 48.56
C ARG A 220 -22.06 -12.18 47.73
N ALA A 221 -22.49 -10.93 47.68
CA ALA A 221 -21.63 -9.89 47.15
C ALA A 221 -20.48 -9.62 48.13
N VAL A 222 -19.24 -9.82 47.66
CA VAL A 222 -18.06 -9.40 48.41
C VAL A 222 -17.66 -8.04 47.86
N ILE A 223 -18.05 -6.98 48.56
CA ILE A 223 -17.82 -5.62 48.07
C ILE A 223 -16.34 -5.24 48.23
N ALA A 224 -15.70 -4.92 47.16
CA ALA A 224 -14.37 -4.35 47.29
C ALA A 224 -14.47 -2.88 47.72
N PRO A 225 -13.65 -2.46 48.67
CA PRO A 225 -13.66 -1.05 49.07
C PRO A 225 -13.20 -0.17 47.91
N ARG A 226 -13.49 1.13 48.03
CA ARG A 226 -13.26 2.05 46.91
C ARG A 226 -11.79 2.06 46.49
N ALA A 227 -10.89 1.99 47.46
CA ALA A 227 -9.45 2.01 47.17
C ALA A 227 -9.03 0.80 46.34
N THR A 228 -9.57 -0.38 46.64
CA THR A 228 -9.24 -1.57 45.87
C THR A 228 -9.77 -1.53 44.43
N GLY A 229 -10.61 -0.54 44.09
CA GLY A 229 -11.17 -0.46 42.75
C GLY A 229 -10.09 -0.35 41.67
N GLN A 230 -9.05 0.44 41.93
CA GLN A 230 -8.00 0.67 40.96
C GLN A 230 -6.70 -0.09 41.25
N ASP A 231 -6.54 -0.68 42.46
CA ASP A 231 -5.33 -1.44 42.76
C ASP A 231 -5.50 -2.91 42.38
N PRO A 232 -4.92 -3.34 41.26
CA PRO A 232 -5.14 -4.73 40.84
C PRO A 232 -4.41 -5.74 41.71
N ARG A 233 -3.38 -5.34 42.45
CA ARG A 233 -2.80 -6.25 43.44
C ARG A 233 -3.80 -6.53 44.55
N GLU A 234 -4.29 -5.46 45.18
CA GLU A 234 -5.22 -5.59 46.30
C GLU A 234 -6.43 -6.41 45.92
N LEU A 235 -6.98 -6.19 44.72
CA LEU A 235 -8.09 -7.00 44.23
C LEU A 235 -7.72 -8.48 44.15
N GLY A 236 -6.57 -8.77 43.55
CA GLY A 236 -6.11 -10.15 43.54
C GLY A 236 -6.05 -10.74 44.94
N ASP A 237 -5.56 -9.96 45.90
CA ASP A 237 -5.46 -10.45 47.28
C ASP A 237 -6.84 -10.62 47.89
N LEU A 238 -7.78 -9.72 47.58
CA LEU A 238 -9.14 -9.86 48.06
C LEU A 238 -9.82 -11.08 47.46
N ILE A 239 -9.66 -11.28 46.14
CA ILE A 239 -10.21 -12.46 45.47
C ILE A 239 -9.74 -13.72 46.15
N VAL A 240 -8.46 -13.77 46.53
CA VAL A 240 -7.92 -14.99 47.14
C VAL A 240 -8.31 -15.08 48.62
N ARG A 241 -8.15 -13.99 49.37
CA ARG A 241 -8.41 -14.04 50.80
C ARG A 241 -9.85 -14.45 51.08
N ARG A 242 -10.81 -13.85 50.38
CA ARG A 242 -12.20 -14.15 50.65
C ARG A 242 -12.82 -15.14 49.67
N GLU A 243 -12.01 -15.89 48.95
CA GLU A 243 -12.46 -17.09 48.20
C GLU A 243 -13.60 -16.78 47.25
N ILE A 244 -13.36 -15.80 46.39
CA ILE A 244 -14.41 -15.33 45.47
C ILE A 244 -14.45 -16.24 44.24
N GLY A 245 -15.59 -16.90 44.03
CA GLY A 245 -15.71 -17.77 42.89
C GLY A 245 -15.82 -17.03 41.57
N THR A 246 -16.56 -15.93 41.53
CA THR A 246 -16.95 -15.30 40.27
C THR A 246 -16.68 -13.79 40.29
N ALA A 247 -16.04 -13.29 39.23
CA ALA A 247 -15.82 -11.86 39.08
C ALA A 247 -16.02 -11.47 37.63
N GLN A 248 -16.20 -10.16 37.40
CA GLN A 248 -16.62 -9.64 36.11
C GLN A 248 -15.87 -8.35 35.83
N ALA A 249 -15.14 -8.31 34.73
CA ALA A 249 -14.45 -7.07 34.37
C ALA A 249 -14.32 -6.98 32.86
N THR A 250 -14.03 -5.76 32.39
CA THR A 250 -13.59 -5.54 31.01
C THR A 250 -12.31 -6.32 30.73
N PRO A 251 -11.99 -6.57 29.45
CA PRO A 251 -10.69 -7.23 29.15
C PRO A 251 -9.48 -6.40 29.55
N THR A 252 -9.51 -5.08 29.35
CA THR A 252 -8.45 -4.22 29.86
C THR A 252 -8.15 -4.49 31.32
N HIS A 253 -9.20 -4.60 32.16
CA HIS A 253 -9.00 -4.86 33.59
C HIS A 253 -8.57 -6.30 33.82
N TRP A 254 -9.15 -7.25 33.10
CA TRP A 254 -8.72 -8.63 33.28
C TRP A 254 -7.26 -8.79 32.90
N HIS A 255 -6.80 -8.01 31.91
CA HIS A 255 -5.39 -7.99 31.56
C HIS A 255 -4.55 -7.58 32.76
N MET A 256 -4.77 -6.37 33.29
CA MET A 256 -4.08 -5.89 34.49
C MET A 256 -4.00 -6.95 35.59
N LEU A 257 -5.13 -7.61 35.86
CA LEU A 257 -5.18 -8.62 36.91
C LEU A 257 -4.25 -9.77 36.62
N ALA A 258 -4.13 -10.18 35.35
CA ALA A 258 -3.20 -11.26 35.02
C ALA A 258 -1.76 -10.79 35.16
N THR A 259 -1.44 -9.61 34.63
CA THR A 259 -0.09 -9.06 34.71
C THR A 259 0.44 -9.03 36.13
N VAL A 260 -0.39 -8.61 37.09
CA VAL A 260 0.08 -8.37 38.46
C VAL A 260 -0.31 -9.50 39.41
N SER A 261 -1.48 -10.11 39.26
CA SER A 261 -1.98 -11.13 40.20
C SER A 261 -2.29 -12.45 39.51
N PRO A 262 -1.29 -13.08 38.88
CA PRO A 262 -1.57 -14.34 38.16
C PRO A 262 -2.23 -15.40 39.03
N GLU A 263 -1.84 -15.49 40.31
CA GLU A 263 -2.35 -16.56 41.15
C GLU A 263 -3.84 -16.42 41.38
N ALA A 264 -4.38 -15.20 41.31
CA ALA A 264 -5.78 -14.98 41.67
C ALA A 264 -6.73 -15.67 40.71
N LEU A 265 -6.29 -15.91 39.47
CA LEU A 265 -7.16 -16.50 38.46
C LEU A 265 -7.23 -18.02 38.54
N ARG A 266 -6.40 -18.67 39.36
CA ARG A 266 -6.54 -20.09 39.65
C ARG A 266 -7.96 -20.38 40.10
N GLY A 267 -8.65 -21.21 39.30
CA GLY A 267 -9.99 -21.69 39.63
C GLY A 267 -11.05 -20.60 39.72
N LEU A 268 -10.89 -19.53 38.95
CA LEU A 268 -11.73 -18.35 39.05
C LEU A 268 -12.61 -18.24 37.81
N ARG A 269 -13.91 -18.03 38.03
CA ARG A 269 -14.86 -17.92 36.92
C ARG A 269 -14.91 -16.48 36.45
N ILE A 270 -14.09 -16.16 35.47
CA ILE A 270 -14.06 -14.83 34.93
C ILE A 270 -15.29 -14.61 34.06
N LEU A 271 -15.94 -13.47 34.22
CA LEU A 271 -16.93 -12.98 33.26
C LEU A 271 -16.30 -11.77 32.56
N ILE A 272 -16.04 -11.91 31.25
CA ILE A 272 -15.40 -10.88 30.45
C ILE A 272 -16.36 -10.40 29.38
N GLY A 273 -16.31 -9.11 29.09
CA GLY A 273 -17.18 -8.50 28.09
C GLY A 273 -16.98 -6.99 28.11
N GLY A 274 -17.40 -6.34 27.03
CA GLY A 274 -17.28 -4.90 26.96
C GLY A 274 -16.40 -4.37 25.83
N GLU A 275 -15.29 -5.05 25.59
CA GLU A 275 -14.50 -4.83 24.39
C GLU A 275 -14.23 -6.19 23.76
N ALA A 276 -13.56 -6.17 22.61
CA ALA A 276 -13.13 -7.43 22.04
C ALA A 276 -12.10 -8.08 22.94
N LEU A 277 -12.13 -9.40 22.99
CA LEU A 277 -11.16 -10.21 23.72
C LEU A 277 -10.12 -10.73 22.72
N SER A 278 -8.87 -10.27 22.85
CA SER A 278 -7.84 -10.78 21.95
C SER A 278 -7.57 -12.27 22.22
N GLU A 279 -7.05 -12.95 21.19
CA GLU A 279 -6.67 -14.35 21.35
C GLU A 279 -5.56 -14.50 22.38
N LYS A 280 -4.60 -13.56 22.37
CA LYS A 280 -3.50 -13.58 23.34
C LYS A 280 -4.04 -13.55 24.77
N LEU A 281 -4.81 -12.52 25.10
CA LEU A 281 -5.46 -12.45 26.41
C LEU A 281 -6.21 -13.74 26.72
N ALA A 282 -7.03 -14.21 25.77
CA ALA A 282 -7.85 -15.40 25.99
C ALA A 282 -7.01 -16.61 26.37
N ALA A 283 -5.79 -16.72 25.81
CA ALA A 283 -4.91 -17.83 26.16
C ALA A 283 -4.32 -17.63 27.55
N THR A 284 -3.82 -16.41 27.82
CA THR A 284 -3.30 -16.07 29.13
C THR A 284 -4.29 -16.41 30.24
N LEU A 285 -5.53 -15.93 30.12
CA LEU A 285 -6.55 -16.24 31.11
C LEU A 285 -6.70 -17.75 31.30
N LEU A 286 -6.65 -18.51 30.22
CA LEU A 286 -6.86 -19.93 30.33
C LEU A 286 -5.63 -20.62 30.90
N ASP A 287 -4.43 -20.09 30.57
CA ASP A 287 -3.19 -20.65 31.11
C ASP A 287 -3.16 -20.52 32.62
N LEU A 288 -3.61 -19.37 33.13
CA LEU A 288 -3.63 -19.14 34.57
C LEU A 288 -4.72 -19.94 35.30
N GLY A 289 -5.57 -20.69 34.59
CA GLY A 289 -6.55 -21.55 35.21
C GLY A 289 -7.95 -20.99 35.35
N ALA A 290 -8.28 -19.91 34.63
CA ALA A 290 -9.59 -19.28 34.79
C ALA A 290 -10.63 -19.99 33.93
N GLU A 291 -11.85 -20.02 34.43
CA GLU A 291 -13.01 -20.36 33.59
C GLU A 291 -13.53 -19.08 32.98
N VAL A 292 -13.56 -19.01 31.65
CA VAL A 292 -13.89 -17.76 30.97
C VAL A 292 -15.25 -17.86 30.30
N VAL A 293 -16.13 -16.90 30.59
CA VAL A 293 -17.48 -16.81 30.04
C VAL A 293 -17.64 -15.41 29.44
N GLN A 294 -17.86 -15.36 28.13
CA GLN A 294 -17.88 -14.07 27.42
C GLN A 294 -19.31 -13.54 27.27
N TRP A 295 -19.46 -12.25 27.53
CA TRP A 295 -20.80 -11.63 27.47
C TRP A 295 -20.75 -10.45 26.52
N TYR A 296 -21.75 -10.35 25.64
CA TYR A 296 -21.84 -9.17 24.75
C TYR A 296 -23.18 -8.54 24.96
N GLY A 297 -23.24 -7.22 24.86
CA GLY A 297 -24.55 -6.59 24.93
C GLY A 297 -24.48 -5.10 25.06
N PRO A 298 -25.32 -4.35 24.31
CA PRO A 298 -25.40 -2.92 24.51
C PRO A 298 -26.16 -2.55 25.78
N THR A 299 -25.95 -1.34 26.29
CA THR A 299 -26.69 -0.85 27.48
C THR A 299 -28.13 -0.64 27.12
N GLU A 300 -28.42 -0.46 25.83
CA GLU A 300 -29.79 -0.18 25.37
C GLU A 300 -30.59 -1.49 25.31
N THR A 301 -29.99 -2.58 25.80
CA THR A 301 -30.70 -3.87 25.87
C THR A 301 -30.29 -4.48 27.20
N THR A 302 -30.53 -3.76 28.30
CA THR A 302 -30.14 -4.19 29.67
C THR A 302 -28.64 -4.11 29.82
N VAL A 303 -27.96 -5.25 29.99
CA VAL A 303 -26.49 -5.25 30.23
C VAL A 303 -25.84 -6.19 29.20
N TRP A 304 -26.18 -7.46 29.25
CA TRP A 304 -25.67 -8.45 28.27
C TRP A 304 -26.86 -9.03 27.53
N SER A 305 -26.63 -9.51 26.30
CA SER A 305 -27.72 -10.12 25.51
C SER A 305 -27.26 -11.48 24.97
N THR A 306 -25.95 -11.73 24.96
CA THR A 306 -25.45 -13.01 24.48
C THR A 306 -24.37 -13.48 25.42
N VAL A 307 -24.16 -14.80 25.45
CA VAL A 307 -23.14 -15.39 26.31
C VAL A 307 -22.45 -16.51 25.54
N HIS A 308 -21.13 -16.62 25.70
CA HIS A 308 -20.39 -17.74 25.15
C HIS A 308 -19.33 -18.17 26.14
N PRO A 309 -19.35 -19.42 26.59
CA PRO A 309 -18.18 -19.99 27.27
C PRO A 309 -17.00 -20.07 26.32
N VAL A 310 -15.89 -19.44 26.71
CA VAL A 310 -14.65 -19.49 25.91
C VAL A 310 -13.90 -20.77 26.30
N THR A 311 -14.06 -21.84 25.51
CA THR A 311 -13.35 -23.10 25.79
C THR A 311 -11.87 -22.99 25.43
N GLY A 312 -11.53 -22.20 24.42
CA GLY A 312 -10.15 -22.02 24.02
C GLY A 312 -9.96 -20.77 23.18
N PRO A 313 -8.70 -20.44 22.88
CA PRO A 313 -8.41 -19.16 22.20
C PRO A 313 -9.15 -18.97 20.88
N ALA A 314 -9.63 -20.04 20.24
CA ALA A 314 -10.41 -19.86 19.02
C ALA A 314 -11.64 -18.97 19.26
N ASP A 315 -12.32 -19.16 20.40
CA ASP A 315 -13.63 -18.60 20.69
C ASP A 315 -13.61 -17.11 21.07
N ALA A 316 -12.46 -16.45 20.91
CA ALA A 316 -12.30 -15.10 21.45
C ALA A 316 -13.31 -14.11 20.86
N ALA A 317 -13.69 -14.27 19.60
CA ALA A 317 -14.69 -13.38 19.04
C ALA A 317 -16.03 -14.08 18.82
N VAL A 318 -16.21 -15.28 19.35
CA VAL A 318 -17.51 -15.93 19.36
C VAL A 318 -18.31 -15.37 20.53
N ILE A 319 -19.31 -14.53 20.23
CA ILE A 319 -20.11 -13.98 21.32
C ILE A 319 -21.30 -14.86 21.65
N GLY A 320 -21.50 -15.95 20.93
CA GLY A 320 -22.21 -17.11 21.47
C GLY A 320 -23.67 -17.16 21.05
N LYS A 321 -24.57 -17.26 22.03
CA LYS A 321 -26.00 -17.45 21.82
C LYS A 321 -26.81 -16.47 22.67
N PRO A 322 -28.02 -16.13 22.21
CA PRO A 322 -28.83 -15.14 22.93
C PRO A 322 -29.25 -15.63 24.31
N LEU A 323 -29.30 -14.68 25.25
CA LEU A 323 -29.81 -14.97 26.58
C LEU A 323 -31.33 -15.16 26.52
N ARG A 324 -31.91 -15.52 27.66
CA ARG A 324 -33.33 -15.84 27.72
C ARG A 324 -34.18 -14.71 27.16
N ASN A 325 -35.23 -15.10 26.40
CA ASN A 325 -36.21 -14.17 25.86
C ASN A 325 -35.57 -13.04 25.07
N THR A 326 -34.34 -13.21 24.61
CA THR A 326 -33.73 -12.30 23.66
C THR A 326 -33.81 -12.91 22.25
N ARG A 327 -33.95 -12.05 21.25
CA ARG A 327 -33.84 -12.46 19.85
C ARG A 327 -32.78 -11.63 19.15
N LEU A 328 -31.92 -12.31 18.40
CA LEU A 328 -30.86 -11.66 17.65
C LEU A 328 -31.13 -11.81 16.15
N TYR A 329 -31.47 -10.69 15.50
CA TYR A 329 -31.52 -10.61 14.05
C TYR A 329 -30.21 -10.03 13.51
N VAL A 330 -29.61 -10.71 12.55
CA VAL A 330 -28.51 -10.14 11.77
C VAL A 330 -29.06 -9.90 10.37
N LEU A 331 -29.32 -8.62 10.08
CA LEU A 331 -30.03 -8.30 8.83
C LEU A 331 -29.17 -7.52 7.84
N ASP A 332 -29.71 -7.31 6.65
CA ASP A 332 -28.98 -6.57 5.59
C ASP A 332 -29.33 -5.08 5.69
N GLU A 333 -29.11 -4.35 4.61
CA GLU A 333 -29.36 -2.89 4.61
C GLU A 333 -30.84 -2.62 4.41
N ASP A 334 -31.61 -3.65 4.05
CA ASP A 334 -33.06 -3.49 3.80
C ASP A 334 -33.83 -4.25 4.88
N LEU A 335 -33.17 -4.61 5.98
CA LEU A 335 -33.83 -5.27 7.15
C LEU A 335 -34.29 -6.68 6.76
N VAL A 336 -33.51 -7.36 5.93
CA VAL A 336 -33.85 -8.71 5.50
C VAL A 336 -32.78 -9.66 6.04
N PRO A 337 -33.17 -10.77 6.68
CA PRO A 337 -32.18 -11.69 7.26
C PRO A 337 -31.26 -12.28 6.21
N VAL A 338 -30.00 -12.41 6.59
CA VAL A 338 -28.96 -12.92 5.72
C VAL A 338 -28.83 -14.42 5.91
N GLU A 339 -28.17 -15.07 4.95
CA GLU A 339 -27.94 -16.51 5.01
C GLU A 339 -26.79 -16.82 5.96
N GLN A 340 -26.83 -18.01 6.57
CA GLN A 340 -25.86 -18.35 7.61
C GLN A 340 -24.44 -18.27 7.06
N GLY A 341 -23.59 -17.48 7.72
CA GLY A 341 -22.24 -17.23 7.29
C GLY A 341 -22.01 -15.88 6.65
N THR A 342 -23.08 -15.20 6.26
CA THR A 342 -22.96 -13.87 5.67
C THR A 342 -22.98 -12.83 6.77
N GLU A 343 -22.23 -11.75 6.54
CA GLU A 343 -22.16 -10.70 7.54
C GLU A 343 -23.36 -9.78 7.44
N GLY A 344 -23.70 -9.16 8.58
CA GLY A 344 -24.84 -8.26 8.63
C GLY A 344 -24.85 -7.52 9.94
N GLU A 345 -25.68 -6.47 9.99
CA GLU A 345 -25.80 -5.67 11.20
C GLU A 345 -26.69 -6.41 12.21
N LEU A 346 -26.27 -6.39 13.47
CA LEU A 346 -26.96 -7.11 14.54
C LEU A 346 -28.06 -6.25 15.12
N PHE A 347 -29.29 -6.75 15.08
CA PHE A 347 -30.44 -6.14 15.72
C PHE A 347 -30.86 -7.04 16.86
N ILE A 348 -31.20 -6.44 18.00
CA ILE A 348 -31.53 -7.16 19.21
C ILE A 348 -32.97 -6.85 19.57
N ALA A 349 -33.77 -7.91 19.80
CA ALA A 349 -35.16 -7.79 20.20
C ALA A 349 -35.46 -8.70 21.38
N GLY A 350 -36.61 -8.48 22.00
CA GLY A 350 -37.04 -9.27 23.12
C GLY A 350 -37.07 -8.50 24.43
N ALA A 351 -37.07 -9.27 25.52
CA ALA A 351 -37.39 -8.73 26.83
C ALA A 351 -36.39 -7.68 27.30
N GLY A 352 -35.12 -7.79 26.91
CA GLY A 352 -34.12 -6.90 27.45
C GLY A 352 -34.09 -5.52 26.85
N VAL A 353 -34.76 -5.29 25.72
CA VAL A 353 -34.72 -4.00 25.04
C VAL A 353 -35.22 -2.89 25.96
N ALA A 354 -34.48 -1.78 25.97
CA ALA A 354 -34.84 -0.62 26.78
C ALA A 354 -36.12 0.02 26.27
N ARG A 355 -36.60 0.97 27.06
CA ARG A 355 -37.79 1.72 26.70
C ARG A 355 -37.49 2.82 25.69
N GLY A 356 -36.20 3.13 25.48
CA GLY A 356 -35.82 4.25 24.65
C GLY A 356 -34.90 5.19 25.41
N TYR A 357 -34.39 6.18 24.68
CA TYR A 357 -33.58 7.21 25.30
C TYR A 357 -34.46 8.22 26.02
N LEU A 358 -33.89 8.85 27.04
CA LEU A 358 -34.65 9.72 27.94
C LEU A 358 -34.81 11.10 27.30
N ASN A 359 -36.05 11.45 26.95
CA ASN A 359 -36.42 12.77 26.45
C ASN A 359 -35.53 13.22 25.28
N ARG A 360 -34.87 12.25 24.63
CA ARG A 360 -34.27 12.47 23.32
C ARG A 360 -35.09 11.65 22.33
N PRO A 361 -36.36 12.02 22.08
CA PRO A 361 -37.24 11.13 21.31
C PRO A 361 -36.92 11.10 19.83
N GLU A 362 -36.01 11.96 19.34
CA GLU A 362 -35.62 11.88 17.94
C GLU A 362 -34.68 10.71 17.70
N LEU A 363 -33.55 10.67 18.44
CA LEU A 363 -32.58 9.60 18.33
C LEU A 363 -33.15 8.27 18.78
N THR A 364 -34.18 8.27 19.64
CA THR A 364 -34.91 7.05 19.92
C THR A 364 -35.37 6.38 18.64
N ALA A 365 -36.02 7.15 17.76
CA ALA A 365 -36.60 6.59 16.57
C ALA A 365 -35.55 6.02 15.62
N GLU A 366 -34.34 6.59 15.62
CA GLU A 366 -33.28 6.17 14.71
C GLU A 366 -32.57 4.87 15.16
N ARG A 367 -32.54 4.56 16.47
CA ARG A 367 -31.86 3.36 16.97
C ARG A 367 -32.81 2.28 17.51
N PHE A 368 -33.99 2.64 18.01
CA PHE A 368 -35.01 1.68 18.45
C PHE A 368 -36.11 1.59 17.39
N LEU A 369 -35.84 0.77 16.38
CA LEU A 369 -36.78 0.60 15.29
C LEU A 369 -37.96 -0.25 15.78
N PRO A 370 -39.09 -0.18 15.09
CA PRO A 370 -40.16 -1.17 15.36
C PRO A 370 -39.64 -2.58 15.12
N ASP A 371 -39.91 -3.47 16.06
CA ASP A 371 -39.46 -4.86 15.90
C ASP A 371 -40.12 -5.48 14.68
N ARG A 372 -39.31 -5.61 13.60
CA ARG A 372 -39.81 -6.08 12.30
C ARG A 372 -40.35 -7.50 12.39
N PHE A 373 -39.82 -8.31 13.29
CA PHE A 373 -40.35 -9.65 13.48
C PHE A 373 -41.07 -9.77 14.82
N GLY A 374 -41.56 -8.65 15.35
CA GLY A 374 -42.39 -8.60 16.55
C GLY A 374 -43.76 -8.00 16.31
N THR A 375 -44.51 -7.74 17.38
CA THR A 375 -45.90 -7.31 17.27
C THR A 375 -46.16 -6.07 18.11
N GLY A 376 -47.18 -5.32 17.68
CA GLY A 376 -47.67 -4.21 18.48
C GLY A 376 -46.59 -3.17 18.68
N ASP A 377 -46.27 -2.88 19.94
CA ASP A 377 -45.35 -1.82 20.26
C ASP A 377 -43.94 -2.31 20.51
N ALA A 378 -43.68 -3.61 20.28
CA ALA A 378 -42.34 -4.17 20.45
C ALA A 378 -41.32 -3.38 19.65
N LEU A 379 -40.06 -3.44 20.06
CA LEU A 379 -39.00 -2.60 19.50
C LEU A 379 -37.73 -3.44 19.39
N MET A 380 -36.83 -3.04 18.50
CA MET A 380 -35.56 -3.76 18.34
C MET A 380 -34.43 -2.75 18.32
N TYR A 381 -33.31 -3.08 18.96
CA TYR A 381 -32.22 -2.12 19.06
C TYR A 381 -31.27 -2.34 17.91
N ARG A 382 -30.86 -1.25 17.26
CA ARG A 382 -29.84 -1.32 16.20
C ARG A 382 -28.49 -1.16 16.87
N THR A 383 -27.77 -2.27 17.09
CA THR A 383 -26.49 -2.24 17.81
C THR A 383 -25.47 -1.41 17.10
N GLY A 384 -25.37 -1.54 15.79
CA GLY A 384 -24.30 -0.84 15.06
C GLY A 384 -23.10 -1.74 15.04
N ASP A 385 -23.32 -3.04 15.21
CA ASP A 385 -22.20 -4.02 15.24
C ASP A 385 -22.44 -5.08 14.18
N VAL A 386 -21.39 -5.44 13.46
CA VAL A 386 -21.51 -6.45 12.36
C VAL A 386 -21.17 -7.83 12.92
N VAL A 387 -21.98 -8.83 12.59
CA VAL A 387 -21.79 -10.20 13.11
C VAL A 387 -22.00 -11.23 12.00
N ARG A 388 -21.51 -12.44 12.19
CA ARG A 388 -21.72 -13.55 11.22
C ARG A 388 -22.11 -14.78 12.05
N MET A 389 -22.99 -15.62 11.52
CA MET A 389 -23.37 -16.86 12.24
C MET A 389 -22.54 -18.03 11.71
N ARG A 390 -21.92 -18.76 12.63
CA ARG A 390 -21.15 -19.96 12.23
C ARG A 390 -22.13 -21.11 12.15
N PRO A 391 -21.81 -22.22 11.46
CA PRO A 391 -22.76 -23.31 11.30
C PRO A 391 -23.37 -23.82 12.60
N ASP A 392 -22.69 -23.65 13.73
CA ASP A 392 -23.17 -24.21 15.03
C ASP A 392 -24.24 -23.31 15.66
N GLY A 393 -24.60 -22.21 15.01
CA GLY A 393 -25.64 -21.32 15.54
C GLY A 393 -25.04 -20.23 16.38
N ASP A 394 -23.78 -20.38 16.77
CA ASP A 394 -23.09 -19.34 17.56
C ASP A 394 -22.84 -18.14 16.65
N LEU A 395 -22.57 -16.98 17.26
CA LEU A 395 -22.34 -15.76 16.46
C LEU A 395 -20.91 -15.27 16.68
N GLU A 396 -20.32 -14.62 15.68
CA GLU A 396 -18.96 -14.05 15.83
C GLU A 396 -19.01 -12.56 15.53
N TYR A 397 -18.45 -11.74 16.41
CA TYR A 397 -18.40 -10.28 16.18
C TYR A 397 -17.38 -10.04 15.08
N VAL A 398 -17.74 -9.16 14.15
CA VAL A 398 -16.83 -8.85 13.01
C VAL A 398 -16.32 -7.43 13.21
N GLY A 399 -17.21 -6.51 13.56
CA GLY A 399 -16.73 -5.14 13.82
C GLY A 399 -17.86 -4.14 13.80
N ARG A 400 -17.51 -2.86 13.79
CA ARG A 400 -18.55 -1.80 13.86
C ARG A 400 -18.94 -1.39 12.43
N ALA A 401 -20.23 -1.36 12.16
CA ALA A 401 -20.73 -1.03 10.81
C ALA A 401 -19.97 0.16 10.23
N ASP A 402 -19.63 1.14 11.06
CA ASP A 402 -19.00 2.34 10.53
C ASP A 402 -17.56 2.09 10.10
N HIS A 403 -16.76 1.54 11.00
CA HIS A 403 -15.33 1.30 10.75
C HIS A 403 -15.14 0.08 9.85
N GLN A 404 -15.76 0.15 8.67
CA GLN A 404 -15.74 -0.95 7.74
C GLN A 404 -15.58 -0.55 6.27
N VAL A 405 -15.58 0.75 5.93
CA VAL A 405 -15.27 1.16 4.57
C VAL A 405 -13.80 0.88 4.28
N LYS A 406 -13.52 0.43 3.06
CA LYS A 406 -12.22 -0.10 2.70
C LYS A 406 -11.14 0.97 2.80
N LEU A 407 -9.92 0.54 3.09
CA LEU A 407 -8.74 1.41 3.10
C LEU A 407 -7.92 1.14 1.85
N HIS A 408 -7.98 2.08 0.90
CA HIS A 408 -7.23 2.02 -0.37
C HIS A 408 -7.66 0.85 -1.25
N GLY A 409 -8.97 0.64 -1.38
CA GLY A 409 -9.51 -0.44 -2.19
C GLY A 409 -9.54 -1.79 -1.53
N PHE A 410 -9.25 -1.88 -0.23
CA PHE A 410 -9.17 -3.18 0.41
C PHE A 410 -9.83 -3.15 1.79
N ARG A 411 -10.55 -4.22 2.11
CA ARG A 411 -11.08 -4.41 3.44
C ARG A 411 -9.95 -4.74 4.40
N VAL A 412 -9.85 -3.99 5.49
CA VAL A 412 -8.81 -4.19 6.49
C VAL A 412 -9.47 -4.72 7.76
N GLU A 413 -8.97 -5.85 8.25
CA GLU A 413 -9.41 -6.39 9.53
C GLU A 413 -8.39 -5.93 10.56
N LEU A 414 -8.72 -4.86 11.30
CA LEU A 414 -7.74 -4.29 12.22
C LEU A 414 -7.40 -5.21 13.37
N GLY A 415 -8.19 -6.27 13.59
CA GLY A 415 -7.87 -7.26 14.60
C GLY A 415 -6.76 -8.18 14.14
N GLU A 416 -6.83 -8.65 12.89
CA GLU A 416 -5.77 -9.46 12.29
C GLU A 416 -4.40 -8.82 12.49
N ILE A 417 -4.31 -7.50 12.25
CA ILE A 417 -3.06 -6.78 12.47
C ILE A 417 -2.63 -6.88 13.93
N GLU A 418 -3.57 -6.73 14.86
CA GLU A 418 -3.20 -6.78 16.26
C GLU A 418 -2.73 -8.17 16.63
N ALA A 419 -3.47 -9.20 16.21
CA ALA A 419 -3.05 -10.58 16.46
C ALA A 419 -1.69 -10.88 15.86
N ALA A 420 -1.43 -10.32 14.67
CA ALA A 420 -0.10 -10.38 14.08
C ALA A 420 0.92 -9.72 14.99
N LEU A 421 0.68 -8.45 15.34
CA LEU A 421 1.61 -7.73 16.19
C LEU A 421 1.81 -8.42 17.51
N GLU A 422 0.72 -8.92 18.11
CA GLU A 422 0.77 -9.56 19.43
C GLU A 422 1.48 -10.91 19.41
N ARG A 423 1.95 -11.39 18.26
CA ARG A 423 2.75 -12.60 18.22
C ARG A 423 4.24 -12.35 18.44
N SER A 424 4.69 -11.10 18.31
CA SER A 424 6.09 -10.77 18.57
C SER A 424 6.33 -10.70 20.06
N GLU A 425 7.42 -11.36 20.52
CA GLU A 425 7.64 -11.50 21.96
C GLU A 425 8.04 -10.18 22.63
N ASP A 426 8.24 -9.12 21.87
CA ASP A 426 8.59 -7.80 22.41
C ASP A 426 7.36 -6.94 22.69
N VAL A 427 6.16 -7.48 22.53
CA VAL A 427 4.95 -6.69 22.58
C VAL A 427 3.94 -7.36 23.52
N ASP A 428 3.24 -6.54 24.30
CA ASP A 428 2.18 -7.05 25.16
C ASP A 428 0.83 -6.89 24.49
N GLN A 429 0.43 -5.64 24.27
CA GLN A 429 -0.84 -5.32 23.64
C GLN A 429 -0.60 -4.51 22.38
N ALA A 430 -1.52 -4.65 21.45
CA ALA A 430 -1.50 -3.92 20.19
C ALA A 430 -2.88 -3.32 19.94
N SER A 431 -2.89 -2.10 19.43
CA SER A 431 -4.13 -1.49 18.93
C SER A 431 -3.84 -0.89 17.56
N ALA A 432 -4.70 -1.20 16.59
CA ALA A 432 -4.62 -0.64 15.25
C ALA A 432 -5.77 0.33 15.03
N THR A 433 -5.56 1.30 14.13
CA THR A 433 -6.59 2.29 13.84
C THR A 433 -6.31 2.96 12.49
N VAL A 434 -7.36 3.28 11.74
CA VAL A 434 -7.21 4.09 10.54
C VAL A 434 -7.30 5.56 10.96
N ARG A 435 -6.20 6.30 10.73
CA ARG A 435 -6.05 7.72 11.08
C ARG A 435 -6.40 8.60 9.89
N GLU A 436 -6.74 9.86 10.18
CA GLU A 436 -6.91 10.90 9.14
C GLU A 436 -6.37 12.22 9.71
N ASP A 437 -5.04 12.36 9.72
CA ASP A 437 -4.42 13.54 10.33
C ASP A 437 -4.38 14.74 9.39
N ARG A 438 -4.23 14.50 8.10
CA ARG A 438 -4.61 15.47 7.09
C ARG A 438 -5.78 14.88 6.32
N PRO A 439 -6.86 15.62 6.08
CA PRO A 439 -8.03 15.01 5.44
C PRO A 439 -7.69 14.52 4.03
N GLY A 440 -8.02 13.26 3.75
CA GLY A 440 -7.69 12.59 2.50
C GLY A 440 -6.57 11.57 2.61
N ASP A 441 -5.58 11.81 3.47
CA ASP A 441 -4.50 10.86 3.70
C ASP A 441 -4.88 9.95 4.85
N ARG A 442 -5.76 9.01 4.57
CA ARG A 442 -6.07 7.94 5.51
C ARG A 442 -4.91 6.96 5.55
N ARG A 443 -4.48 6.57 6.76
CA ARG A 443 -3.35 5.66 6.91
C ARG A 443 -3.55 4.71 8.07
N LEU A 444 -2.95 3.53 7.96
CA LEU A 444 -2.93 2.58 9.06
C LEU A 444 -1.82 2.91 10.05
N VAL A 445 -2.16 3.02 11.31
CA VAL A 445 -1.20 3.12 12.39
C VAL A 445 -1.51 2.04 13.40
N ALA A 446 -0.47 1.48 14.00
CA ALA A 446 -0.64 0.48 15.04
C ALA A 446 0.10 0.92 16.28
N TYR A 447 -0.40 0.50 17.44
CA TYR A 447 0.17 0.89 18.71
C TYR A 447 0.50 -0.35 19.51
N VAL A 448 1.59 -0.29 20.25
CA VAL A 448 2.12 -1.47 20.93
C VAL A 448 2.56 -1.04 22.32
N THR A 449 2.36 -1.94 23.28
CA THR A 449 3.01 -1.83 24.57
C THR A 449 4.17 -2.81 24.58
N ALA A 450 4.97 -2.74 25.63
CA ALA A 450 6.11 -3.62 25.76
C ALA A 450 5.74 -4.84 26.59
N ALA A 451 6.24 -6.00 26.18
CA ALA A 451 6.27 -7.12 27.09
C ALA A 451 7.25 -6.82 28.23
N THR A 452 7.03 -7.50 29.36
CA THR A 452 7.84 -7.23 30.55
C THR A 452 9.32 -7.44 30.24
N GLY A 453 10.12 -6.41 30.52
CA GLY A 453 11.54 -6.48 30.29
C GLY A 453 11.95 -6.61 28.84
N ARG A 454 11.17 -6.06 27.92
CA ARG A 454 11.56 -6.01 26.53
C ARG A 454 11.31 -4.61 25.99
N VAL A 455 11.99 -4.28 24.90
CA VAL A 455 11.78 -3.02 24.20
C VAL A 455 11.37 -3.34 22.77
N PRO A 456 10.20 -2.89 22.31
CA PRO A 456 9.79 -3.15 20.92
C PRO A 456 10.49 -2.20 19.96
N ASP A 457 11.32 -2.75 19.07
CA ASP A 457 11.82 -1.93 17.98
C ASP A 457 10.69 -1.75 16.99
N VAL A 458 10.19 -0.53 16.89
CA VAL A 458 8.94 -0.27 16.18
C VAL A 458 9.12 -0.26 14.67
N ARG A 459 10.36 -0.40 14.17
CA ARG A 459 10.57 -0.64 12.75
C ARG A 459 10.58 -2.12 12.41
N GLU A 460 11.26 -2.96 13.21
CA GLU A 460 11.19 -4.41 12.99
C GLU A 460 9.79 -4.95 13.21
N LEU A 461 8.94 -4.23 13.94
CA LEU A 461 7.55 -4.63 14.09
C LEU A 461 6.84 -4.66 12.74
N ARG A 462 7.06 -3.62 11.92
CA ARG A 462 6.51 -3.61 10.57
C ARG A 462 7.08 -4.74 9.73
N ASN A 463 8.37 -5.03 9.89
CA ASN A 463 8.92 -6.21 9.25
C ASN A 463 8.17 -7.47 9.70
N PHE A 464 8.02 -7.65 11.01
CA PHE A 464 7.38 -8.86 11.52
C PHE A 464 5.98 -9.02 10.95
N VAL A 465 5.25 -7.92 10.85
CA VAL A 465 3.90 -7.97 10.33
C VAL A 465 3.90 -8.27 8.83
N ALA A 466 4.82 -7.63 8.09
CA ALA A 466 4.82 -7.68 6.63
C ALA A 466 4.97 -9.10 6.07
N GLN A 467 5.40 -10.05 6.88
CA GLN A 467 5.53 -11.41 6.39
C GLN A 467 4.33 -12.28 6.74
N THR A 468 3.33 -11.72 7.42
CA THR A 468 2.15 -12.47 7.80
C THR A 468 0.87 -11.91 7.20
N LEU A 469 0.82 -10.61 6.93
CA LEU A 469 -0.40 -10.03 6.41
C LEU A 469 -0.22 -9.52 4.99
N PRO A 470 -1.31 -9.47 4.21
CA PRO A 470 -1.29 -8.71 2.96
C PRO A 470 -0.62 -7.36 3.14
N LEU A 471 0.11 -6.90 2.13
CA LEU A 471 0.88 -5.67 2.24
C LEU A 471 -0.02 -4.47 2.52
N TYR A 472 -1.25 -4.47 2.00
CA TYR A 472 -2.14 -3.35 2.22
C TYR A 472 -2.59 -3.23 3.67
N MET A 473 -2.34 -4.27 4.47
CA MET A 473 -2.68 -4.32 5.88
C MET A 473 -1.48 -4.02 6.77
N VAL A 474 -0.31 -3.78 6.21
CA VAL A 474 0.84 -3.49 7.06
C VAL A 474 0.77 -2.01 7.47
N PRO A 475 0.91 -1.71 8.76
CA PRO A 475 0.73 -0.32 9.21
C PRO A 475 1.81 0.59 8.69
N THR A 476 1.40 1.79 8.28
CA THR A 476 2.34 2.80 7.82
C THR A 476 3.40 3.07 8.88
N ALA A 477 2.95 3.22 10.12
CA ALA A 477 3.84 3.51 11.24
C ALA A 477 3.32 2.78 12.46
N VAL A 478 4.24 2.15 13.18
CA VAL A 478 3.92 1.61 14.48
C VAL A 478 4.44 2.58 15.53
N VAL A 479 3.79 2.62 16.69
CA VAL A 479 4.05 3.59 17.74
C VAL A 479 4.03 2.85 19.07
N ALA A 480 5.10 2.92 19.83
CA ALA A 480 5.15 2.24 21.12
C ALA A 480 4.80 3.21 22.26
N LEU A 481 3.99 2.72 23.21
CA LEU A 481 3.45 3.51 24.29
C LEU A 481 3.74 2.85 25.62
N GLU A 482 3.83 3.67 26.67
CA GLU A 482 4.03 3.16 28.01
C GLU A 482 2.78 2.49 28.54
N GLU A 483 1.63 3.15 28.43
CA GLU A 483 0.37 2.52 28.70
C GLU A 483 -0.63 3.01 27.66
N PHE A 484 -1.70 2.26 27.53
CA PHE A 484 -2.78 2.68 26.65
C PHE A 484 -3.69 3.68 27.36
N PRO A 485 -4.18 4.70 26.67
CA PRO A 485 -5.20 5.56 27.26
C PRO A 485 -6.47 4.77 27.53
N LEU A 486 -7.19 5.14 28.61
CA LEU A 486 -8.38 4.41 29.02
C LEU A 486 -9.57 5.35 29.20
N THR A 487 -10.78 4.79 29.09
CA THR A 487 -12.02 5.54 29.38
C THR A 487 -12.28 5.50 30.88
N PRO A 488 -13.21 6.34 31.37
CA PRO A 488 -13.61 6.21 32.78
C PRO A 488 -14.05 4.80 33.15
N ASN A 489 -14.67 4.07 32.21
CA ASN A 489 -15.11 2.71 32.47
C ASN A 489 -13.98 1.71 32.41
N GLY A 490 -12.76 2.14 32.12
CA GLY A 490 -11.65 1.21 32.06
C GLY A 490 -11.59 0.38 30.80
N LYS A 491 -12.02 0.95 29.68
CA LYS A 491 -11.88 0.35 28.35
C LYS A 491 -10.86 1.15 27.54
N LEU A 492 -10.22 0.46 26.58
CA LEU A 492 -9.29 1.12 25.69
C LEU A 492 -9.98 2.26 24.96
N ASP A 493 -9.34 3.42 24.95
CA ASP A 493 -9.86 4.64 24.32
C ASP A 493 -9.12 4.90 23.01
N ARG A 494 -9.62 4.29 21.93
CA ARG A 494 -8.96 4.43 20.63
C ARG A 494 -8.98 5.87 20.11
N LYS A 495 -9.91 6.72 20.59
CA LYS A 495 -10.01 8.11 20.13
C LYS A 495 -8.89 8.99 20.67
N ALA A 496 -8.10 8.49 21.64
CA ALA A 496 -7.05 9.28 22.28
C ALA A 496 -5.65 8.78 21.96
N LEU A 497 -5.51 7.82 21.06
CA LEU A 497 -4.18 7.38 20.69
C LEU A 497 -3.49 8.47 19.89
N PRO A 498 -2.25 8.83 20.23
CA PRO A 498 -1.62 10.00 19.60
C PRO A 498 -1.23 9.72 18.15
N ALA A 499 -1.14 10.80 17.37
CA ALA A 499 -0.80 10.58 15.96
C ALA A 499 0.71 10.55 15.77
N PRO A 500 1.21 9.69 14.86
CA PRO A 500 2.62 9.75 14.48
C PRO A 500 2.82 10.75 13.34
N VAL A 501 4.07 11.17 13.18
CA VAL A 501 4.41 12.23 12.22
C VAL A 501 3.99 11.93 10.78
N VAL B 1 47.36 7.08 -42.53
CA VAL B 1 46.91 7.27 -41.15
C VAL B 1 45.46 6.84 -40.95
N ASN B 2 44.62 7.07 -41.96
CA ASN B 2 43.19 6.78 -41.79
C ASN B 2 42.95 5.34 -42.17
N MET B 3 42.97 4.46 -41.17
CA MET B 3 42.69 3.08 -41.42
C MET B 3 41.30 2.88 -41.97
N LEU B 4 40.35 3.72 -41.56
CA LEU B 4 38.95 3.53 -41.95
C LEU B 4 38.72 3.89 -43.42
N VAL B 5 39.23 5.05 -43.88
CA VAL B 5 39.10 5.35 -45.30
C VAL B 5 39.96 4.39 -46.13
N LYS B 6 41.10 3.95 -45.60
CA LYS B 6 41.89 2.98 -46.35
C LYS B 6 41.15 1.65 -46.46
N ALA B 7 40.53 1.19 -45.38
CA ALA B 7 39.74 -0.04 -45.44
C ALA B 7 38.59 0.07 -46.44
N LEU B 8 37.84 1.17 -46.36
CA LEU B 8 36.71 1.37 -47.27
C LEU B 8 37.15 1.36 -48.71
N GLU B 9 38.24 2.07 -49.03
CA GLU B 9 38.68 2.15 -50.41
C GLU B 9 39.19 0.81 -50.94
N GLU B 10 39.96 0.06 -50.12
CA GLU B 10 40.40 -1.26 -50.55
C GLU B 10 39.22 -2.12 -50.95
N ARG B 11 38.17 -2.12 -50.13
CA ARG B 11 36.95 -2.82 -50.51
C ARG B 11 36.43 -2.34 -51.86
N ALA B 12 36.51 -1.03 -52.12
CA ALA B 12 35.97 -0.55 -53.39
C ALA B 12 36.80 -1.02 -54.57
N ASP B 13 38.10 -1.19 -54.37
CA ASP B 13 38.93 -1.72 -55.44
C ASP B 13 38.79 -3.24 -55.59
N ALA B 14 38.42 -3.94 -54.52
CA ALA B 14 38.13 -5.36 -54.60
C ALA B 14 36.83 -5.66 -55.36
N VAL B 15 35.82 -4.80 -55.26
CA VAL B 15 34.53 -5.11 -55.89
C VAL B 15 33.96 -3.91 -56.64
N PRO B 16 34.74 -3.22 -57.47
CA PRO B 16 34.25 -1.96 -58.05
C PRO B 16 32.98 -2.11 -58.85
N ASP B 17 32.75 -3.28 -59.45
CA ASP B 17 31.61 -3.36 -60.34
C ASP B 17 30.37 -3.88 -59.64
N LEU B 18 30.50 -4.32 -58.40
CA LEU B 18 29.35 -4.70 -57.61
C LEU B 18 28.53 -3.48 -57.22
N THR B 19 27.25 -3.70 -56.99
CA THR B 19 26.37 -2.62 -56.59
C THR B 19 26.60 -2.29 -55.12
N ALA B 20 26.89 -1.02 -54.84
CA ALA B 20 27.03 -0.57 -53.47
C ALA B 20 25.73 0.01 -52.95
N LEU B 21 24.97 0.71 -53.78
CA LEU B 21 23.71 1.30 -53.30
C LEU B 21 22.56 0.92 -54.23
N GLU B 22 21.39 1.37 -53.86
CA GLU B 22 20.16 1.08 -54.56
C GLU B 22 19.16 1.98 -53.88
N CYS B 23 18.41 2.77 -54.63
CA CYS B 23 17.24 3.46 -54.09
C CYS B 23 16.29 3.66 -55.25
N GLU B 24 15.08 3.11 -55.12
CA GLU B 24 13.97 3.40 -56.04
C GLU B 24 14.27 2.96 -57.49
N GLY B 25 14.96 1.84 -57.64
CA GLY B 25 15.26 1.33 -58.96
C GLY B 25 16.51 1.87 -59.58
N VAL B 26 17.34 2.61 -58.83
CA VAL B 26 18.58 3.18 -59.34
C VAL B 26 19.74 2.57 -58.55
N GLU B 27 20.71 2.01 -59.25
CA GLU B 27 21.79 1.25 -58.62
C GLU B 27 23.13 1.94 -58.92
N LEU B 28 23.95 2.12 -57.89
CA LEU B 28 25.28 2.72 -58.03
C LEU B 28 26.34 1.68 -57.68
N THR B 29 27.34 1.51 -58.54
CA THR B 29 28.39 0.55 -58.22
C THR B 29 29.36 1.13 -57.20
N PHE B 30 30.20 0.25 -56.64
CA PHE B 30 31.20 0.72 -55.70
C PHE B 30 32.09 1.77 -56.33
N ARG B 31 32.54 1.54 -57.57
CA ARG B 31 33.40 2.51 -58.22
C ARG B 31 32.67 3.82 -58.45
N ALA B 32 31.38 3.75 -58.78
CA ALA B 32 30.62 4.98 -58.99
C ALA B 32 30.47 5.77 -57.70
N VAL B 33 30.36 5.09 -56.55
CA VAL B 33 30.07 5.79 -55.32
C VAL B 33 31.32 6.47 -54.80
N HIS B 34 32.45 5.77 -54.81
CA HIS B 34 33.69 6.43 -54.40
C HIS B 34 34.07 7.56 -55.37
N GLU B 35 33.80 7.38 -56.66
CA GLU B 35 34.06 8.44 -57.62
C GLU B 35 33.25 9.67 -57.29
N ARG B 36 31.94 9.52 -57.19
CA ARG B 36 31.09 10.63 -56.77
C ARG B 36 31.56 11.21 -55.45
N ALA B 37 31.95 10.35 -54.50
CA ALA B 37 32.30 10.82 -53.16
C ALA B 37 33.65 11.50 -53.14
N ASN B 38 34.62 10.98 -53.91
CA ASN B 38 35.96 11.59 -53.92
C ASN B 38 35.93 13.00 -54.50
N ARG B 39 35.06 13.24 -55.49
CA ARG B 39 34.89 14.58 -56.00
C ARG B 39 34.33 15.50 -54.93
N LEU B 40 33.20 15.14 -54.34
CA LEU B 40 32.70 15.87 -53.20
C LEU B 40 33.78 16.01 -52.12
N ALA B 41 34.57 14.96 -51.88
CA ALA B 41 35.56 15.03 -50.82
C ALA B 41 36.59 16.12 -51.10
N ARG B 42 37.06 16.19 -52.34
CA ARG B 42 38.05 17.19 -52.72
C ARG B 42 37.49 18.59 -52.54
N HIS B 43 36.31 18.84 -53.09
CA HIS B 43 35.64 20.12 -52.89
C HIS B 43 35.45 20.42 -51.41
N LEU B 44 35.07 19.40 -50.62
CA LEU B 44 34.90 19.62 -49.18
C LEU B 44 36.18 20.13 -48.55
N VAL B 45 37.32 19.56 -48.95
CA VAL B 45 38.62 20.02 -48.45
C VAL B 45 38.87 21.47 -48.88
N ALA B 46 38.68 21.75 -50.18
CA ALA B 46 38.72 23.11 -50.69
C ALA B 46 37.80 24.05 -49.91
N SER B 47 36.88 23.52 -49.10
CA SER B 47 35.97 24.32 -48.32
C SER B 47 36.36 24.37 -46.85
N GLY B 48 37.54 23.84 -46.49
CA GLY B 48 38.08 23.99 -45.16
C GLY B 48 37.91 22.80 -44.26
N VAL B 49 37.58 21.65 -44.79
CA VAL B 49 37.32 20.48 -43.97
C VAL B 49 38.62 19.73 -43.72
N GLY B 50 38.81 19.31 -42.48
CA GLY B 50 39.87 18.40 -42.15
C GLY B 50 39.70 17.86 -40.76
N PRO B 51 40.77 17.28 -40.21
CA PRO B 51 40.75 16.77 -38.83
C PRO B 51 39.99 17.63 -37.84
N ASP B 52 39.00 17.00 -37.19
CA ASP B 52 38.14 17.58 -36.14
C ASP B 52 37.22 18.70 -36.61
N ARG B 53 37.24 19.05 -37.89
CA ARG B 53 36.26 19.99 -38.41
C ARG B 53 34.96 19.26 -38.73
N VAL B 54 33.83 19.88 -38.38
CA VAL B 54 32.53 19.24 -38.55
C VAL B 54 31.89 19.70 -39.85
N VAL B 55 31.30 18.75 -40.58
CA VAL B 55 30.50 18.99 -41.77
C VAL B 55 29.06 18.70 -41.39
N ALA B 56 28.20 19.71 -41.46
CA ALA B 56 26.79 19.49 -41.15
C ALA B 56 26.08 19.02 -42.41
N VAL B 57 25.24 18.01 -42.27
CA VAL B 57 24.60 17.36 -43.41
C VAL B 57 23.10 17.39 -43.22
N MET B 58 22.41 18.06 -44.12
CA MET B 58 20.95 18.10 -44.10
C MET B 58 20.39 17.62 -45.44
N LEU B 59 20.00 16.36 -45.47
CA LEU B 59 19.65 15.69 -46.71
C LEU B 59 18.61 14.63 -46.43
N PRO B 60 17.76 14.27 -47.42
CA PRO B 60 16.83 13.18 -47.21
C PRO B 60 17.49 11.84 -47.26
N ARG B 61 16.79 10.82 -46.76
CA ARG B 61 17.30 9.45 -46.88
C ARG B 61 17.39 9.16 -48.38
N SER B 62 18.59 9.25 -48.94
CA SER B 62 18.76 9.10 -50.40
C SER B 62 20.18 8.66 -50.73
N THR B 63 20.42 8.24 -51.96
CA THR B 63 21.81 7.99 -52.36
C THR B 63 22.70 9.19 -52.08
N ASP B 64 22.17 10.40 -52.27
CA ASP B 64 22.94 11.61 -51.95
C ASP B 64 23.39 11.62 -50.49
N LEU B 65 22.54 11.13 -49.59
CA LEU B 65 22.93 11.07 -48.19
C LEU B 65 24.13 10.12 -47.99
N LEU B 66 24.00 8.88 -48.45
CA LEU B 66 25.06 7.91 -48.17
C LEU B 66 26.33 8.24 -48.93
N VAL B 67 26.24 9.00 -50.02
CA VAL B 67 27.44 9.45 -50.73
C VAL B 67 28.08 10.61 -50.00
N THR B 68 27.30 11.59 -49.56
CA THR B 68 27.87 12.70 -48.80
C THR B 68 28.69 12.20 -47.62
N LEU B 69 28.12 11.28 -46.84
CA LEU B 69 28.77 10.85 -45.61
C LEU B 69 30.07 10.13 -45.92
N LEU B 70 30.09 9.37 -47.01
CA LEU B 70 31.35 8.81 -47.47
C LEU B 70 32.35 9.93 -47.78
N ALA B 71 31.91 10.99 -48.46
CA ALA B 71 32.81 12.07 -48.83
C ALA B 71 33.36 12.80 -47.62
N VAL B 72 32.58 12.89 -46.54
CA VAL B 72 33.07 13.62 -45.37
C VAL B 72 34.22 12.86 -44.74
N LEU B 73 34.06 11.55 -44.57
CA LEU B 73 35.14 10.74 -44.03
C LEU B 73 36.36 10.81 -44.94
N LYS B 74 36.16 10.81 -46.26
CA LYS B 74 37.31 10.82 -47.17
C LYS B 74 38.06 12.13 -47.08
N ALA B 75 37.34 13.25 -46.91
CA ALA B 75 37.98 14.52 -46.67
C ALA B 75 38.76 14.55 -45.37
N GLY B 76 38.42 13.68 -44.41
CA GLY B 76 39.02 13.72 -43.11
C GLY B 76 38.29 14.52 -42.05
N GLY B 77 37.00 14.78 -42.23
CA GLY B 77 36.21 15.52 -41.27
C GLY B 77 35.17 14.63 -40.60
N ALA B 78 34.37 15.26 -39.74
CA ALA B 78 33.34 14.56 -39.00
C ALA B 78 31.98 15.10 -39.38
N TYR B 79 31.05 14.22 -39.73
CA TYR B 79 29.72 14.66 -40.12
C TYR B 79 28.86 14.88 -38.89
N LEU B 80 27.99 15.89 -38.97
CA LEU B 80 26.88 16.06 -38.05
C LEU B 80 25.62 16.12 -38.91
N ALA B 81 24.69 15.20 -38.66
CA ALA B 81 23.53 15.03 -39.53
C ALA B 81 22.37 15.81 -38.94
N LEU B 82 21.80 16.69 -39.75
CA LEU B 82 20.63 17.45 -39.37
C LEU B 82 19.43 16.90 -40.11
N ASP B 83 18.35 16.71 -39.39
CA ASP B 83 17.11 16.29 -40.00
C ASP B 83 16.39 17.51 -40.58
N PRO B 84 16.08 17.52 -41.88
CA PRO B 84 15.32 18.64 -42.47
C PRO B 84 14.07 19.01 -41.68
N GLU B 85 13.46 18.01 -41.03
CA GLU B 85 12.11 18.10 -40.48
C GLU B 85 12.08 18.57 -39.02
N HIS B 86 13.22 18.62 -38.33
CA HIS B 86 13.25 18.92 -36.90
C HIS B 86 12.88 20.39 -36.63
N PRO B 87 12.57 20.73 -35.37
CA PRO B 87 12.29 22.13 -35.04
C PRO B 87 13.54 23.00 -35.13
N ALA B 88 13.29 24.30 -35.40
CA ALA B 88 14.37 25.22 -35.78
C ALA B 88 15.43 25.37 -34.69
N GLU B 89 15.01 25.66 -33.45
CA GLU B 89 16.01 25.83 -32.39
C GLU B 89 16.71 24.53 -32.05
N ARG B 90 16.06 23.39 -32.27
CA ARG B 90 16.74 22.11 -32.09
C ARG B 90 18.00 22.04 -32.93
N VAL B 91 17.92 22.51 -34.17
CA VAL B 91 19.05 22.51 -35.09
C VAL B 91 20.01 23.69 -34.85
N ALA B 92 19.49 24.85 -34.43
CA ALA B 92 20.36 26.00 -34.18
C ALA B 92 21.30 25.77 -33.00
N PHE B 93 20.90 24.93 -32.03
CA PHE B 93 21.80 24.59 -30.94
C PHE B 93 22.97 23.76 -31.44
N GLN B 94 22.66 22.65 -32.12
CA GLN B 94 23.67 21.82 -32.77
C GLN B 94 24.62 22.66 -33.65
N VAL B 95 24.08 23.60 -34.42
CA VAL B 95 24.96 24.39 -35.26
C VAL B 95 25.83 25.33 -34.41
N ARG B 96 25.26 25.88 -33.35
CA ARG B 96 26.01 26.79 -32.51
C ARG B 96 27.05 26.04 -31.69
N ASP B 97 26.71 24.83 -31.25
CA ASP B 97 27.57 24.07 -30.37
C ASP B 97 28.66 23.32 -31.13
N ALA B 98 28.30 22.62 -32.21
CA ALA B 98 29.29 21.85 -32.96
C ALA B 98 30.11 22.72 -33.92
N ALA B 99 29.59 23.89 -34.30
CA ALA B 99 30.26 24.81 -35.22
C ALA B 99 30.70 24.12 -36.50
N PRO B 100 29.79 23.64 -37.32
CA PRO B 100 30.19 23.10 -38.62
C PRO B 100 30.88 24.17 -39.46
N VAL B 101 31.81 23.73 -40.30
CA VAL B 101 32.54 24.67 -41.19
C VAL B 101 31.84 24.68 -42.56
N VAL B 102 30.95 23.71 -42.78
CA VAL B 102 30.25 23.62 -44.10
C VAL B 102 28.98 22.78 -43.95
N LEU B 103 27.88 23.25 -44.54
CA LEU B 103 26.63 22.45 -44.56
C LEU B 103 26.47 21.88 -45.97
N VAL B 104 26.23 20.59 -46.07
CA VAL B 104 25.98 19.96 -47.41
C VAL B 104 24.48 19.67 -47.48
N THR B 105 23.77 20.40 -48.31
CA THR B 105 22.30 20.23 -48.38
C THR B 105 21.84 20.20 -49.81
N SER B 106 20.56 20.49 -50.01
CA SER B 106 19.93 20.42 -51.31
C SER B 106 19.02 21.62 -51.51
N ALA B 107 18.99 22.12 -52.76
CA ALA B 107 18.12 23.23 -53.10
C ALA B 107 16.66 22.86 -52.93
N ARG B 108 16.35 21.59 -53.14
CA ARG B 108 14.96 21.10 -52.95
C ARG B 108 14.50 21.39 -51.53
N ILE B 109 15.37 21.19 -50.54
CA ILE B 109 14.95 21.37 -49.11
C ILE B 109 14.60 22.84 -48.89
N ASP B 110 13.43 23.11 -48.31
CA ASP B 110 12.97 24.49 -48.04
C ASP B 110 14.12 25.32 -47.46
N ALA B 111 14.33 26.51 -48.01
CA ALA B 111 15.39 27.40 -47.50
C ALA B 111 15.12 27.76 -46.04
N ASP B 112 13.84 27.79 -45.68
CA ASP B 112 13.46 28.17 -44.29
C ASP B 112 14.07 27.14 -43.33
N ARG B 113 14.59 26.03 -43.85
CA ARG B 113 15.25 25.07 -42.98
C ARG B 113 16.71 24.85 -43.35
N THR B 114 17.28 25.70 -44.21
CA THR B 114 18.65 25.58 -44.73
C THR B 114 19.49 26.83 -44.46
N ASP B 115 18.85 27.94 -44.07
CA ASP B 115 19.49 29.24 -43.85
C ASP B 115 20.11 29.32 -42.45
N LEU B 116 20.96 28.35 -42.15
CA LEU B 116 21.51 28.22 -40.81
C LEU B 116 22.75 29.07 -40.60
N GLY B 117 23.21 29.73 -41.65
CA GLY B 117 24.35 30.60 -41.55
C GLY B 117 25.70 29.93 -41.72
N ILE B 118 25.73 28.59 -41.89
CA ILE B 118 26.95 27.89 -42.30
C ILE B 118 27.14 28.04 -43.80
N ALA B 119 28.39 28.10 -44.22
CA ALA B 119 28.68 28.02 -45.65
C ALA B 119 28.07 26.75 -46.23
N ARG B 120 27.36 26.89 -47.34
CA ARG B 120 26.60 25.77 -47.87
C ARG B 120 27.37 25.09 -48.99
N VAL B 121 27.05 23.82 -49.20
CA VAL B 121 27.35 23.11 -50.45
C VAL B 121 26.04 22.45 -50.87
N VAL B 122 25.46 22.93 -51.97
CA VAL B 122 24.17 22.46 -52.44
C VAL B 122 24.41 21.51 -53.62
N LEU B 123 24.17 20.21 -53.41
CA LEU B 123 24.67 19.21 -54.34
C LEU B 123 24.03 19.34 -55.70
N ASP B 124 22.80 19.84 -55.74
CA ASP B 124 21.97 19.86 -56.93
C ASP B 124 21.87 21.25 -57.54
N ASP B 125 22.33 22.27 -56.83
CA ASP B 125 22.52 23.56 -57.44
C ASP B 125 23.38 23.40 -58.70
N PRO B 126 22.92 23.88 -59.85
CA PRO B 126 23.65 23.63 -61.10
C PRO B 126 25.13 23.98 -61.06
N GLY B 127 25.49 25.17 -60.61
CA GLY B 127 26.89 25.54 -60.58
C GLY B 127 27.73 24.58 -59.74
N THR B 128 27.30 24.29 -58.51
CA THR B 128 28.01 23.36 -57.65
C THR B 128 28.10 21.99 -58.29
N ALA B 129 26.96 21.47 -58.79
CA ALA B 129 26.98 20.21 -59.50
C ALA B 129 28.08 20.18 -60.55
N GLU B 130 28.18 21.28 -61.33
CA GLU B 130 29.18 21.43 -62.40
C GLU B 130 30.60 21.34 -61.87
N THR B 131 30.94 22.14 -60.86
CA THR B 131 32.31 22.18 -60.34
C THR B 131 32.70 20.85 -59.76
N LEU B 132 31.77 20.23 -59.01
CA LEU B 132 32.01 18.91 -58.46
C LEU B 132 32.35 17.94 -59.57
N ALA B 133 31.54 17.93 -60.63
CA ALA B 133 31.66 16.92 -61.66
C ALA B 133 32.97 17.00 -62.43
N ALA B 134 33.67 18.12 -62.34
CA ALA B 134 34.91 18.38 -63.06
C ALA B 134 36.14 18.18 -62.20
N LEU B 135 35.96 17.84 -60.92
CA LEU B 135 37.08 17.48 -60.08
C LEU B 135 37.56 16.07 -60.46
N PRO B 136 38.81 15.73 -60.18
CA PRO B 136 39.26 14.35 -60.42
C PRO B 136 38.60 13.42 -59.40
N ALA B 137 38.45 12.15 -59.76
CA ALA B 137 37.59 11.29 -58.99
C ALA B 137 38.27 10.06 -58.40
N GLY B 138 39.58 9.88 -58.58
CA GLY B 138 40.27 8.82 -57.90
C GLY B 138 40.40 9.07 -56.41
N HIS B 139 40.76 8.02 -55.68
CA HIS B 139 40.90 8.17 -54.24
C HIS B 139 41.89 9.27 -53.91
N LEU B 140 41.54 10.08 -52.92
CA LEU B 140 42.44 11.12 -52.44
C LEU B 140 43.67 10.49 -51.80
N THR B 141 44.85 11.02 -52.14
CA THR B 141 46.05 10.79 -51.35
C THR B 141 45.98 11.61 -50.05
N ASP B 142 47.03 11.51 -49.25
CA ASP B 142 47.09 12.29 -48.05
C ASP B 142 47.65 13.68 -48.34
N ALA B 143 48.47 13.81 -49.37
CA ALA B 143 48.91 15.14 -49.76
C ALA B 143 47.73 16.02 -50.17
N GLU B 144 46.63 15.40 -50.63
CA GLU B 144 45.41 16.14 -51.02
C GLU B 144 44.57 16.53 -49.82
N ARG B 145 44.72 15.83 -48.73
CA ARG B 145 43.96 16.16 -47.50
C ARG B 145 44.72 17.25 -46.76
N ALA B 146 44.43 17.42 -45.49
CA ALA B 146 45.07 18.50 -44.72
C ALA B 146 45.39 18.06 -43.30
N ALA B 147 46.42 18.64 -42.69
CA ALA B 147 46.73 18.42 -41.25
C ALA B 147 47.06 16.98 -40.90
N PRO B 148 47.72 16.77 -39.74
CA PRO B 148 47.97 15.42 -39.29
C PRO B 148 46.68 14.65 -39.12
N ALA B 149 46.48 13.64 -39.96
CA ALA B 149 45.30 12.76 -39.78
C ALA B 149 45.60 11.81 -38.62
N GLY B 150 44.60 11.03 -38.21
CA GLY B 150 44.81 10.16 -37.05
C GLY B 150 43.59 9.35 -36.69
N PRO B 151 43.76 8.23 -35.97
CA PRO B 151 42.61 7.43 -35.51
C PRO B 151 41.84 8.06 -34.36
N GLU B 152 42.43 9.01 -33.64
CA GLU B 152 41.68 9.71 -32.61
C GLU B 152 40.91 10.91 -33.16
N ASP B 153 41.04 11.21 -34.44
CA ASP B 153 40.24 12.26 -35.06
C ASP B 153 38.77 11.86 -35.09
N LEU B 154 37.88 12.85 -35.11
CA LEU B 154 36.44 12.60 -35.07
C LEU B 154 35.91 11.98 -36.36
N ALA B 155 34.88 11.15 -36.20
CA ALA B 155 34.13 10.56 -37.31
C ALA B 155 32.76 11.20 -37.48
N TYR B 156 32.03 11.34 -36.39
CA TYR B 156 30.80 12.11 -36.42
C TYR B 156 30.58 12.74 -35.03
N VAL B 157 29.68 13.71 -34.99
CA VAL B 157 29.14 14.25 -33.75
C VAL B 157 27.64 14.00 -33.79
N ILE B 158 27.13 13.31 -32.79
CA ILE B 158 25.71 13.03 -32.69
C ILE B 158 25.23 13.59 -31.36
N TYR B 159 24.06 14.25 -31.37
CA TYR B 159 23.51 14.78 -30.13
C TYR B 159 22.51 13.80 -29.55
N THR B 160 22.49 13.73 -28.23
CA THR B 160 21.70 12.80 -27.46
C THR B 160 21.08 13.60 -26.31
N SER B 161 19.81 13.37 -26.05
CA SER B 161 19.13 14.02 -24.94
C SER B 161 18.75 12.99 -23.89
N GLY B 162 18.91 13.36 -22.62
CA GLY B 162 18.35 12.60 -21.53
C GLY B 162 16.85 12.83 -21.44
N SER B 163 16.27 12.32 -20.35
CA SER B 163 14.87 12.61 -20.07
C SER B 163 14.61 14.11 -19.93
N THR B 164 15.51 14.81 -19.24
CA THR B 164 15.42 16.25 -19.03
C THR B 164 16.81 16.86 -19.18
N GLY B 165 16.83 18.15 -19.51
CA GLY B 165 18.07 18.87 -19.74
C GLY B 165 18.37 19.10 -21.22
N THR B 166 19.42 19.89 -21.46
CA THR B 166 19.83 20.25 -22.81
C THR B 166 20.50 19.07 -23.51
N PRO B 167 20.67 19.13 -24.84
CA PRO B 167 21.32 18.02 -25.55
C PRO B 167 22.83 17.96 -25.33
N LYS B 168 23.35 16.73 -25.38
CA LYS B 168 24.79 16.47 -25.27
C LYS B 168 25.32 16.01 -26.63
N GLY B 169 26.23 16.79 -27.20
CA GLY B 169 26.94 16.37 -28.39
C GLY B 169 28.02 15.36 -28.09
N VAL B 170 27.82 14.11 -28.52
CA VAL B 170 28.78 13.03 -28.32
C VAL B 170 29.80 13.05 -29.46
N GLU B 171 31.08 12.95 -29.10
CA GLU B 171 32.17 12.97 -30.08
C GLU B 171 32.67 11.55 -30.33
N ILE B 172 32.53 11.06 -31.56
CA ILE B 172 32.84 9.66 -31.87
C ILE B 172 34.05 9.62 -32.80
N PRO B 173 35.21 9.14 -32.34
CA PRO B 173 36.40 9.11 -33.18
C PRO B 173 36.36 8.01 -34.23
N VAL B 174 37.28 8.14 -35.19
CA VAL B 174 37.38 7.19 -36.29
C VAL B 174 37.72 5.80 -35.77
N ARG B 175 38.61 5.71 -34.77
CA ARG B 175 39.00 4.38 -34.31
C ARG B 175 37.80 3.61 -33.78
N ALA B 176 36.82 4.31 -33.23
CA ALA B 176 35.70 3.60 -32.62
C ALA B 176 34.67 3.17 -33.68
N LEU B 177 34.46 4.02 -34.69
CA LEU B 177 33.61 3.66 -35.82
C LEU B 177 34.22 2.49 -36.59
N HIS B 178 35.51 2.61 -36.93
CA HIS B 178 36.21 1.52 -37.59
C HIS B 178 35.97 0.18 -36.90
N ASN B 179 36.08 0.20 -35.55
CA ASN B 179 36.00 -1.01 -34.75
C ASN B 179 34.58 -1.57 -34.72
N LEU B 180 33.59 -0.68 -34.62
CA LEU B 180 32.21 -1.15 -34.72
C LEU B 180 31.98 -1.84 -36.05
N LEU B 181 32.39 -1.20 -37.14
CA LEU B 181 32.21 -1.76 -38.48
C LEU B 181 32.81 -3.16 -38.58
N GLU B 182 34.06 -3.32 -38.14
CA GLU B 182 34.69 -4.64 -38.21
C GLU B 182 33.94 -5.65 -37.36
N ALA B 183 33.55 -5.28 -36.14
CA ALA B 183 32.83 -6.19 -35.27
C ALA B 183 31.55 -6.70 -35.91
N MET B 184 30.74 -5.78 -36.46
CA MET B 184 29.47 -6.16 -37.06
C MET B 184 29.71 -7.00 -38.29
N ARG B 185 30.71 -6.64 -39.08
CA ARG B 185 31.07 -7.45 -40.23
C ARG B 185 31.37 -8.87 -39.80
N GLU B 186 32.18 -9.01 -38.74
CA GLU B 186 32.56 -10.31 -38.20
C GLU B 186 31.34 -11.10 -37.71
N ARG B 187 30.51 -10.48 -36.87
CA ARG B 187 29.38 -11.18 -36.30
C ARG B 187 28.39 -11.60 -37.39
N LEU B 188 28.01 -10.69 -38.27
CA LEU B 188 27.02 -11.00 -39.28
C LEU B 188 27.58 -11.74 -40.48
N SER B 189 28.90 -11.81 -40.64
CA SER B 189 29.54 -12.29 -41.87
C SER B 189 28.94 -11.59 -43.08
N LEU B 190 29.14 -10.28 -43.12
CA LEU B 190 28.59 -9.47 -44.19
C LEU B 190 29.63 -9.34 -45.31
N GLY B 191 29.13 -9.26 -46.54
CA GLY B 191 29.98 -9.28 -47.71
C GLY B 191 29.19 -9.38 -49.01
N PRO B 192 29.90 -9.45 -50.13
CA PRO B 192 29.24 -9.36 -51.44
C PRO B 192 28.23 -10.48 -51.64
N GLY B 193 26.99 -10.07 -51.95
CA GLY B 193 25.86 -10.98 -52.00
C GLY B 193 24.79 -10.44 -51.07
N ASP B 194 25.18 -10.09 -49.86
CA ASP B 194 24.23 -9.63 -48.87
C ASP B 194 23.66 -8.25 -49.21
N ARG B 195 22.41 -8.05 -48.80
CA ARG B 195 21.71 -6.77 -48.92
C ARG B 195 21.15 -6.39 -47.54
N MET B 196 21.52 -5.22 -47.08
CA MET B 196 21.00 -4.65 -45.85
C MET B 196 20.04 -3.51 -46.18
N LEU B 197 19.07 -3.28 -45.30
CA LEU B 197 18.10 -2.18 -45.48
C LEU B 197 18.60 -0.92 -44.77
N SER B 198 18.33 0.26 -45.35
CA SER B 198 18.70 1.56 -44.71
C SER B 198 17.42 2.28 -44.25
N VAL B 199 17.18 2.38 -42.92
CA VAL B 199 15.92 2.99 -42.38
C VAL B 199 16.21 4.00 -41.28
N THR B 200 16.97 3.60 -40.28
CA THR B 200 17.13 4.53 -39.17
C THR B 200 17.55 5.88 -39.68
N THR B 201 16.74 6.90 -39.40
CA THR B 201 17.12 8.27 -39.67
C THR B 201 18.53 8.54 -39.18
N ALA B 202 19.20 9.50 -39.83
CA ALA B 202 20.64 9.69 -39.63
C ALA B 202 20.97 10.28 -38.26
N THR B 203 19.98 10.80 -37.55
CA THR B 203 20.18 11.47 -36.29
C THR B 203 20.20 10.51 -35.09
N PHE B 204 19.98 9.20 -35.33
CA PHE B 204 20.14 8.15 -34.33
C PHE B 204 21.38 7.35 -34.70
N ASP B 205 22.21 7.01 -33.71
CA ASP B 205 23.42 6.27 -34.09
C ASP B 205 23.12 4.85 -34.57
N MET B 206 21.88 4.39 -34.48
CA MET B 206 21.54 3.07 -35.07
C MET B 206 21.71 3.15 -36.59
N SER B 207 21.80 4.37 -37.11
CA SER B 207 21.93 4.59 -38.57
C SER B 207 23.34 4.24 -39.06
N VAL B 208 24.37 4.53 -38.26
CA VAL B 208 25.78 4.36 -38.71
C VAL B 208 26.00 2.97 -39.33
N PRO B 209 25.62 1.85 -38.69
CA PRO B 209 25.73 0.57 -39.35
C PRO B 209 25.10 0.58 -40.74
N GLU B 210 23.86 1.03 -40.87
CA GLU B 210 23.13 0.96 -42.16
C GLU B 210 23.73 1.92 -43.20
N LEU B 211 24.43 2.97 -42.75
CA LEU B 211 25.03 3.92 -43.66
C LEU B 211 26.44 3.51 -44.08
N PHE B 212 27.16 2.78 -43.23
CA PHE B 212 28.55 2.46 -43.52
C PHE B 212 28.91 0.98 -43.55
N LEU B 213 28.04 0.07 -43.11
CA LEU B 213 28.43 -1.35 -43.11
C LEU B 213 28.53 -1.95 -44.51
N PRO B 214 27.62 -1.64 -45.47
CA PRO B 214 27.77 -2.23 -46.80
C PRO B 214 28.97 -1.72 -47.58
N TYR B 215 29.33 -0.42 -47.45
CA TYR B 215 30.60 0.05 -48.00
C TYR B 215 31.78 -0.73 -47.41
N TYR B 216 31.75 -0.96 -46.11
CA TYR B 216 32.90 -1.56 -45.45
C TYR B 216 33.04 -3.03 -45.80
N THR B 217 31.94 -3.69 -46.12
CA THR B 217 31.93 -5.13 -46.28
C THR B 217 31.85 -5.61 -47.72
N GLY B 218 31.53 -4.74 -48.68
CA GLY B 218 31.23 -5.20 -50.02
C GLY B 218 29.82 -5.70 -50.18
N ALA B 219 28.97 -5.47 -49.17
CA ALA B 219 27.54 -5.72 -49.25
C ALA B 219 26.84 -4.55 -49.94
N ARG B 220 25.55 -4.73 -50.21
CA ARG B 220 24.74 -3.73 -50.91
C ARG B 220 23.72 -3.15 -49.93
N ALA B 221 23.63 -1.83 -49.89
CA ALA B 221 22.66 -1.11 -49.07
C ALA B 221 21.44 -0.75 -49.90
N VAL B 222 20.27 -1.22 -49.49
CA VAL B 222 19.00 -0.92 -50.15
C VAL B 222 18.31 0.22 -49.37
N ILE B 223 18.32 1.42 -49.95
CA ILE B 223 17.82 2.61 -49.26
C ILE B 223 16.33 2.72 -49.45
N ALA B 224 15.67 3.10 -48.45
CA ALA B 224 14.26 3.27 -48.68
C ALA B 224 13.95 4.72 -48.98
N PRO B 225 13.02 5.00 -49.89
CA PRO B 225 12.61 6.38 -50.15
C PRO B 225 12.01 7.03 -48.91
N ARG B 226 12.02 8.37 -48.88
CA ARG B 226 11.57 9.11 -47.67
C ARG B 226 10.11 8.84 -47.31
N ALA B 227 9.33 8.32 -48.26
CA ALA B 227 7.89 8.12 -47.99
C ALA B 227 7.60 6.65 -47.66
N THR B 228 8.58 5.96 -47.11
CA THR B 228 8.39 4.51 -46.86
C THR B 228 8.57 4.21 -45.39
N GLY B 229 9.47 4.92 -44.72
CA GLY B 229 9.75 4.61 -43.31
C GLY B 229 8.47 4.70 -42.49
N GLN B 230 7.63 5.67 -42.83
CA GLN B 230 6.35 5.87 -42.10
C GLN B 230 5.46 4.62 -42.25
N ASP B 231 5.22 4.17 -43.50
CA ASP B 231 4.30 3.04 -43.72
C ASP B 231 5.07 1.71 -43.66
N PRO B 232 4.93 0.91 -42.58
CA PRO B 232 5.58 -0.41 -42.54
C PRO B 232 5.11 -1.37 -43.62
N ARG B 233 3.96 -1.13 -44.26
CA ARG B 233 3.56 -1.98 -45.37
C ARG B 233 4.39 -1.74 -46.61
N GLU B 234 4.84 -0.50 -46.81
CA GLU B 234 5.72 -0.23 -47.93
C GLU B 234 7.11 -0.78 -47.68
N LEU B 235 7.59 -0.75 -46.44
CA LEU B 235 8.89 -1.32 -46.10
C LEU B 235 8.91 -2.83 -46.27
N GLY B 236 7.82 -3.50 -45.86
CA GLY B 236 7.76 -4.94 -46.04
C GLY B 236 7.70 -5.32 -47.51
N ASP B 237 6.99 -4.54 -48.31
CA ASP B 237 7.00 -4.82 -49.75
C ASP B 237 8.42 -4.71 -50.26
N LEU B 238 9.07 -3.58 -49.96
CA LEU B 238 10.48 -3.37 -50.29
C LEU B 238 11.36 -4.54 -49.83
N ILE B 239 11.21 -4.95 -48.57
CA ILE B 239 12.06 -6.03 -48.07
C ILE B 239 11.87 -7.29 -48.89
N VAL B 240 10.62 -7.61 -49.23
CA VAL B 240 10.37 -8.83 -49.99
C VAL B 240 10.73 -8.63 -51.46
N ARG B 241 10.30 -7.50 -52.03
CA ARG B 241 10.51 -7.29 -53.47
C ARG B 241 11.99 -7.21 -53.83
N ARG B 242 12.85 -6.70 -52.94
CA ARG B 242 14.28 -6.60 -53.20
C ARG B 242 15.10 -7.71 -52.54
N GLU B 243 14.46 -8.64 -51.81
CA GLU B 243 15.15 -9.75 -51.15
C GLU B 243 16.27 -9.24 -50.24
N ILE B 244 15.91 -8.28 -49.41
CA ILE B 244 16.77 -7.79 -48.35
C ILE B 244 16.92 -8.89 -47.32
N GLY B 245 18.15 -9.25 -47.00
CA GLY B 245 18.38 -10.34 -46.08
C GLY B 245 18.47 -9.89 -44.64
N THR B 246 18.83 -8.63 -44.45
CA THR B 246 19.14 -8.10 -43.12
C THR B 246 18.56 -6.70 -42.97
N ALA B 247 17.84 -6.46 -41.87
CA ALA B 247 17.25 -5.16 -41.57
C ALA B 247 17.34 -4.92 -40.07
N GLN B 248 17.27 -3.66 -39.67
CA GLN B 248 17.54 -3.29 -38.28
C GLN B 248 16.61 -2.18 -37.82
N ALA B 249 16.00 -2.36 -36.66
CA ALA B 249 15.06 -1.39 -36.12
C ALA B 249 14.94 -1.57 -34.62
N THR B 250 14.22 -0.63 -33.99
CA THR B 250 13.81 -0.76 -32.60
C THR B 250 12.68 -1.77 -32.47
N PRO B 251 12.54 -2.36 -31.27
CA PRO B 251 11.41 -3.31 -31.06
C PRO B 251 10.06 -2.71 -31.43
N THR B 252 9.81 -1.46 -31.06
CA THR B 252 8.61 -0.74 -31.49
C THR B 252 8.39 -0.88 -32.99
N HIS B 253 9.45 -0.65 -33.79
CA HIS B 253 9.27 -0.66 -35.23
C HIS B 253 9.03 -2.07 -35.74
N TRP B 254 9.73 -3.05 -35.17
CA TRP B 254 9.49 -4.42 -35.56
C TRP B 254 8.10 -4.89 -35.13
N HIS B 255 7.54 -4.28 -34.07
CA HIS B 255 6.13 -4.51 -33.74
C HIS B 255 5.23 -4.16 -34.91
N MET B 256 5.37 -2.94 -35.44
CA MET B 256 4.56 -2.52 -36.58
C MET B 256 4.74 -3.46 -37.75
N LEU B 257 5.98 -3.69 -38.18
CA LEU B 257 6.22 -4.52 -39.35
C LEU B 257 5.60 -5.89 -39.20
N ALA B 258 5.86 -6.56 -38.07
CA ALA B 258 5.30 -7.90 -37.89
C ALA B 258 3.77 -7.89 -37.94
N THR B 259 3.15 -6.75 -37.62
CA THR B 259 1.69 -6.65 -37.64
C THR B 259 1.15 -6.50 -39.06
N VAL B 260 1.64 -5.50 -39.80
CA VAL B 260 1.09 -5.21 -41.11
C VAL B 260 1.80 -5.97 -42.22
N SER B 261 2.85 -6.74 -41.91
CA SER B 261 3.63 -7.41 -42.95
C SER B 261 4.33 -8.66 -42.45
N PRO B 262 3.60 -9.62 -41.88
CA PRO B 262 4.26 -10.83 -41.35
C PRO B 262 5.04 -11.61 -42.38
N GLU B 263 4.66 -11.52 -43.65
CA GLU B 263 5.39 -12.18 -44.72
C GLU B 263 6.80 -11.65 -44.89
N ALA B 264 7.06 -10.42 -44.43
CA ALA B 264 8.36 -9.80 -44.70
C ALA B 264 9.45 -10.32 -43.77
N LEU B 265 9.08 -10.82 -42.61
CA LEU B 265 10.01 -11.38 -41.64
C LEU B 265 10.44 -12.82 -41.96
N ARG B 266 9.85 -13.50 -42.94
CA ARG B 266 10.18 -14.91 -43.20
C ARG B 266 11.56 -15.03 -43.83
N GLY B 267 12.50 -15.57 -43.08
CA GLY B 267 13.87 -15.66 -43.54
C GLY B 267 14.65 -14.37 -43.45
N LEU B 268 14.03 -13.31 -42.97
CA LEU B 268 14.73 -12.07 -42.72
C LEU B 268 15.56 -12.20 -41.45
N ARG B 269 16.72 -11.53 -41.45
CA ARG B 269 17.54 -11.46 -40.26
C ARG B 269 17.30 -10.12 -39.57
N ILE B 270 16.79 -10.17 -38.36
CA ILE B 270 16.37 -8.99 -37.60
C ILE B 270 17.46 -8.62 -36.61
N LEU B 271 18.03 -7.43 -36.78
CA LEU B 271 18.86 -6.81 -35.75
C LEU B 271 17.98 -5.87 -34.93
N ILE B 272 17.92 -6.09 -33.63
CA ILE B 272 17.00 -5.38 -32.75
C ILE B 272 17.78 -4.79 -31.59
N GLY B 273 17.42 -3.56 -31.23
CA GLY B 273 18.16 -2.86 -30.19
C GLY B 273 17.50 -1.52 -29.97
N GLY B 274 17.95 -0.83 -28.94
CA GLY B 274 17.62 0.56 -28.75
C GLY B 274 16.44 0.82 -27.84
N GLU B 275 15.58 -0.18 -27.65
CA GLU B 275 14.57 -0.20 -26.61
C GLU B 275 14.48 -1.62 -26.10
N ALA B 276 13.84 -1.77 -24.96
CA ALA B 276 13.61 -3.08 -24.37
C ALA B 276 12.70 -3.94 -25.23
N LEU B 277 13.02 -5.22 -25.31
CA LEU B 277 12.31 -6.20 -26.12
C LEU B 277 11.51 -7.13 -25.21
N SER B 278 10.19 -7.19 -25.40
CA SER B 278 9.34 -8.08 -24.62
C SER B 278 9.54 -9.54 -25.03
N GLU B 279 9.27 -10.45 -24.09
CA GLU B 279 9.25 -11.88 -24.44
C GLU B 279 8.18 -12.16 -25.49
N LYS B 280 7.08 -11.43 -25.45
CA LYS B 280 6.02 -11.72 -26.40
C LYS B 280 6.42 -11.28 -27.80
N LEU B 281 7.10 -10.14 -27.92
CA LEU B 281 7.55 -9.72 -29.25
C LEU B 281 8.57 -10.70 -29.80
N ALA B 282 9.55 -11.08 -28.98
CA ALA B 282 10.56 -12.04 -29.38
C ALA B 282 9.93 -13.29 -29.96
N ALA B 283 8.94 -13.84 -29.25
CA ALA B 283 8.26 -15.05 -29.69
C ALA B 283 7.63 -14.84 -31.07
N THR B 284 6.88 -13.73 -31.24
CA THR B 284 6.33 -13.35 -32.54
C THR B 284 7.38 -13.36 -33.65
N LEU B 285 8.52 -12.70 -33.41
CA LEU B 285 9.55 -12.61 -34.43
C LEU B 285 10.12 -13.98 -34.77
N LEU B 286 10.48 -14.75 -33.75
CA LEU B 286 10.88 -16.14 -33.98
C LEU B 286 9.81 -16.90 -34.73
N ASP B 287 8.55 -16.78 -34.32
CA ASP B 287 7.47 -17.60 -34.95
C ASP B 287 7.32 -17.25 -36.43
N LEU B 288 7.60 -16.00 -36.79
CA LEU B 288 7.38 -15.57 -38.20
C LEU B 288 8.57 -15.95 -39.09
N GLY B 289 9.47 -16.80 -38.60
CA GLY B 289 10.58 -17.30 -39.43
C GLY B 289 11.74 -16.34 -39.49
N ALA B 290 11.98 -15.61 -38.40
CA ALA B 290 13.01 -14.56 -38.45
C ALA B 290 14.17 -14.89 -37.53
N GLU B 291 15.38 -14.78 -38.06
CA GLU B 291 16.53 -14.88 -37.16
C GLU B 291 16.64 -13.57 -36.39
N VAL B 292 16.61 -13.65 -35.08
CA VAL B 292 16.66 -12.45 -34.25
C VAL B 292 18.08 -12.35 -33.68
N VAL B 293 18.64 -11.14 -33.73
CA VAL B 293 19.93 -10.85 -33.12
C VAL B 293 19.81 -9.50 -32.44
N GLN B 294 20.10 -9.45 -31.14
CA GLN B 294 19.84 -8.28 -30.31
C GLN B 294 21.13 -7.56 -29.95
N TRP B 295 21.05 -6.22 -29.88
CA TRP B 295 22.21 -5.35 -29.76
C TRP B 295 21.97 -4.32 -28.66
N TYR B 296 22.98 -4.11 -27.83
CA TYR B 296 22.86 -3.14 -26.75
C TYR B 296 24.07 -2.20 -26.81
N GLY B 297 23.85 -0.93 -26.49
CA GLY B 297 24.95 0.00 -26.39
C GLY B 297 24.53 1.45 -26.35
N PRO B 298 25.07 2.18 -25.38
CA PRO B 298 24.81 3.62 -25.29
C PRO B 298 25.47 4.37 -26.43
N THR B 299 24.87 5.51 -26.78
CA THR B 299 25.41 6.33 -27.85
C THR B 299 26.85 6.74 -27.57
N GLU B 300 27.27 6.66 -26.32
CA GLU B 300 28.62 7.15 -25.98
C GLU B 300 29.68 6.06 -26.16
N THR B 301 29.28 4.84 -26.49
CA THR B 301 30.24 3.75 -26.72
C THR B 301 30.08 3.31 -28.15
N THR B 302 29.92 4.25 -29.06
CA THR B 302 29.63 3.96 -30.48
C THR B 302 28.26 3.28 -30.54
N VAL B 303 27.83 2.79 -31.70
CA VAL B 303 26.43 2.29 -31.85
C VAL B 303 26.09 1.16 -30.88
N TRP B 304 26.84 0.07 -30.95
CA TRP B 304 26.54 -1.08 -30.09
C TRP B 304 27.79 -1.51 -29.36
N SER B 305 27.64 -2.09 -28.18
CA SER B 305 28.77 -2.66 -27.46
C SER B 305 28.57 -4.10 -27.06
N THR B 306 27.35 -4.63 -27.11
CA THR B 306 27.07 -6.01 -26.75
C THR B 306 26.12 -6.61 -27.78
N VAL B 307 26.12 -7.92 -27.88
CA VAL B 307 25.33 -8.60 -28.90
C VAL B 307 24.91 -9.96 -28.37
N HIS B 308 23.75 -10.43 -28.82
CA HIS B 308 23.23 -11.71 -28.33
C HIS B 308 22.07 -12.23 -29.17
N PRO B 309 22.24 -13.39 -29.80
CA PRO B 309 21.18 -13.95 -30.65
C PRO B 309 19.99 -14.46 -29.83
N VAL B 310 18.83 -13.82 -30.05
CA VAL B 310 17.59 -14.23 -29.40
C VAL B 310 17.08 -15.52 -30.05
N THR B 311 17.01 -16.60 -29.28
CA THR B 311 16.51 -17.86 -29.79
C THR B 311 15.22 -18.35 -29.14
N GLY B 312 14.75 -17.68 -28.09
CA GLY B 312 13.51 -18.00 -27.43
C GLY B 312 13.04 -16.83 -26.58
N PRO B 313 11.77 -16.82 -26.19
CA PRO B 313 11.23 -15.70 -25.41
C PRO B 313 12.09 -15.30 -24.21
N ALA B 314 12.76 -16.27 -23.55
CA ALA B 314 13.52 -15.94 -22.35
C ALA B 314 14.81 -15.19 -22.66
N ASP B 315 15.26 -15.19 -23.92
CA ASP B 315 16.45 -14.46 -24.36
C ASP B 315 16.25 -12.97 -24.45
N ALA B 316 15.08 -12.44 -24.06
CA ALA B 316 14.68 -11.11 -24.52
C ALA B 316 15.46 -10.02 -23.81
N ALA B 317 15.76 -10.19 -22.52
CA ALA B 317 16.51 -9.16 -21.80
C ALA B 317 17.98 -9.48 -21.69
N VAL B 318 18.42 -10.60 -22.26
CA VAL B 318 19.84 -10.95 -22.31
C VAL B 318 20.52 -10.08 -23.37
N ILE B 319 21.45 -9.22 -22.92
CA ILE B 319 22.23 -8.37 -23.81
C ILE B 319 23.60 -8.97 -24.18
N GLY B 320 24.03 -10.01 -23.47
CA GLY B 320 25.01 -10.92 -24.03
C GLY B 320 26.47 -10.60 -23.84
N LYS B 321 27.21 -10.72 -24.93
CA LYS B 321 28.66 -10.67 -24.86
C LYS B 321 29.19 -9.42 -25.54
N PRO B 322 30.40 -9.00 -25.17
CA PRO B 322 30.98 -7.81 -25.79
C PRO B 322 31.28 -7.99 -27.28
N LEU B 323 31.43 -6.85 -27.93
CA LEU B 323 31.90 -6.83 -29.30
C LEU B 323 33.42 -6.80 -29.30
N ARG B 324 34.00 -6.99 -30.48
CA ARG B 324 35.42 -6.83 -30.75
C ARG B 324 36.00 -5.62 -30.03
N ASN B 325 36.95 -5.87 -29.13
CA ASN B 325 37.68 -4.89 -28.33
C ASN B 325 36.84 -4.20 -27.25
N THR B 326 35.70 -4.77 -26.85
CA THR B 326 34.90 -4.19 -25.78
C THR B 326 35.07 -4.96 -24.49
N ARG B 327 35.21 -4.23 -23.38
CA ARG B 327 35.19 -4.81 -22.04
C ARG B 327 34.01 -4.24 -21.26
N LEU B 328 33.26 -5.13 -20.60
CA LEU B 328 32.12 -4.75 -19.77
C LEU B 328 32.42 -5.09 -18.31
N TYR B 329 32.45 -4.06 -17.46
CA TYR B 329 32.62 -4.23 -16.02
C TYR B 329 31.29 -4.02 -15.32
N VAL B 330 30.92 -4.97 -14.47
CA VAL B 330 29.81 -4.79 -13.55
C VAL B 330 30.44 -4.44 -12.22
N LEU B 331 30.31 -3.18 -11.81
CA LEU B 331 31.00 -2.71 -10.62
C LEU B 331 29.98 -2.38 -9.54
N ASP B 332 30.48 -2.29 -8.31
CA ASP B 332 29.69 -1.86 -7.18
C ASP B 332 29.85 -0.35 -7.00
N GLU B 333 29.49 0.16 -5.81
CA GLU B 333 29.55 1.59 -5.54
C GLU B 333 30.97 2.15 -5.54
N ASP B 334 32.00 1.32 -5.28
CA ASP B 334 33.39 1.75 -5.16
C ASP B 334 34.25 1.26 -6.32
N LEU B 335 33.63 0.98 -7.47
CA LEU B 335 34.33 0.59 -8.70
C LEU B 335 35.01 -0.76 -8.54
N VAL B 336 34.27 -1.72 -8.00
CA VAL B 336 34.84 -3.01 -7.67
C VAL B 336 33.95 -4.11 -8.24
N PRO B 337 34.51 -5.09 -8.92
CA PRO B 337 33.68 -6.12 -9.55
C PRO B 337 32.81 -6.80 -8.51
N VAL B 338 31.51 -6.80 -8.76
CA VAL B 338 30.62 -7.58 -7.94
C VAL B 338 30.91 -9.06 -8.20
N GLU B 339 30.46 -9.91 -7.28
CA GLU B 339 30.55 -11.33 -7.54
C GLU B 339 29.53 -11.68 -8.60
N GLN B 340 29.82 -12.75 -9.34
CA GLN B 340 28.95 -13.13 -10.45
C GLN B 340 27.51 -13.22 -10.00
N GLY B 341 26.60 -12.80 -10.88
CA GLY B 341 25.19 -12.95 -10.65
C GLY B 341 24.57 -11.90 -9.76
N THR B 342 25.37 -11.09 -9.10
CA THR B 342 24.88 -9.97 -8.32
C THR B 342 24.74 -8.76 -9.24
N GLU B 343 23.71 -7.95 -9.01
CA GLU B 343 23.44 -6.83 -9.88
C GLU B 343 24.36 -5.64 -9.57
N GLY B 344 24.80 -4.97 -10.62
CA GLY B 344 25.68 -3.82 -10.50
C GLY B 344 25.54 -2.91 -11.69
N GLU B 345 26.23 -1.77 -11.62
CA GLU B 345 26.18 -0.73 -12.62
C GLU B 345 27.21 -1.02 -13.70
N LEU B 346 26.75 -1.11 -14.95
CA LEU B 346 27.62 -1.51 -16.06
C LEU B 346 28.51 -0.36 -16.50
N PHE B 347 29.81 -0.61 -16.56
CA PHE B 347 30.76 0.31 -17.16
C PHE B 347 31.29 -0.37 -18.42
N ILE B 348 31.53 0.44 -19.46
CA ILE B 348 31.94 -0.05 -20.77
C ILE B 348 33.26 0.62 -21.14
N ALA B 349 34.26 -0.18 -21.45
CA ALA B 349 35.54 0.35 -21.90
C ALA B 349 35.92 -0.30 -23.22
N GLY B 350 36.88 0.31 -23.91
CA GLY B 350 37.35 -0.29 -25.16
C GLY B 350 37.45 0.69 -26.30
N ALA B 351 37.60 0.16 -27.51
CA ALA B 351 37.82 1.01 -28.69
C ALA B 351 36.62 1.90 -29.00
N GLY B 352 35.43 1.54 -28.50
CA GLY B 352 34.22 2.31 -28.84
C GLY B 352 33.96 3.44 -27.87
N VAL B 353 34.68 3.47 -26.76
CA VAL B 353 34.51 4.63 -25.83
C VAL B 353 34.74 5.90 -26.65
N ALA B 354 33.85 6.87 -26.49
CA ALA B 354 33.96 8.13 -27.25
C ALA B 354 35.07 9.01 -26.68
N ARG B 355 35.24 10.19 -27.26
CA ARG B 355 36.25 11.15 -26.73
C ARG B 355 35.63 11.84 -25.52
N GLY B 356 34.31 12.05 -25.56
CA GLY B 356 33.62 12.75 -24.47
C GLY B 356 32.53 13.64 -25.00
N TYR B 357 31.96 14.47 -24.14
CA TYR B 357 30.86 15.38 -24.55
C TYR B 357 31.50 16.67 -25.04
N LEU B 358 30.91 17.24 -26.08
CA LEU B 358 31.44 18.45 -26.70
C LEU B 358 31.11 19.68 -25.86
N ASN B 359 32.15 20.41 -25.44
CA ASN B 359 31.99 21.61 -24.61
C ASN B 359 31.27 21.34 -23.29
N ARG B 360 31.23 20.10 -22.81
CA ARG B 360 30.65 19.79 -21.51
C ARG B 360 31.74 19.16 -20.63
N PRO B 361 32.68 19.96 -20.15
CA PRO B 361 33.80 19.36 -19.39
C PRO B 361 33.36 18.69 -18.10
N GLU B 362 32.40 19.28 -17.37
CA GLU B 362 31.99 18.72 -16.09
C GLU B 362 31.18 17.44 -16.26
N LEU B 363 30.17 17.48 -17.13
CA LEU B 363 29.42 16.25 -17.42
C LEU B 363 30.31 15.18 -18.05
N THR B 364 31.39 15.58 -18.74
CA THR B 364 32.24 14.56 -19.34
C THR B 364 33.09 13.86 -18.29
N ALA B 365 33.78 14.64 -17.44
CA ALA B 365 34.61 14.05 -16.40
C ALA B 365 33.78 13.30 -15.36
N GLU B 366 32.47 13.54 -15.34
CA GLU B 366 31.56 12.83 -14.45
C GLU B 366 31.14 11.46 -14.98
N ARG B 367 31.14 11.26 -16.30
CA ARG B 367 30.75 9.97 -16.87
C ARG B 367 31.83 9.29 -17.69
N PHE B 368 32.86 10.01 -18.14
CA PHE B 368 34.01 9.40 -18.81
C PHE B 368 35.13 9.35 -17.78
N LEU B 369 35.05 8.34 -16.91
CA LEU B 369 36.06 8.07 -15.89
C LEU B 369 37.24 7.36 -16.50
N PRO B 370 38.40 7.48 -15.88
CA PRO B 370 39.54 6.65 -16.32
C PRO B 370 39.19 5.18 -16.13
N ASP B 371 39.61 4.36 -17.10
CA ASP B 371 39.34 2.92 -17.12
C ASP B 371 40.13 2.27 -16.00
N ARG B 372 39.47 2.06 -14.86
CA ARG B 372 40.19 1.52 -13.72
C ARG B 372 40.85 0.17 -14.03
N PHE B 373 40.28 -0.60 -14.97
CA PHE B 373 40.86 -1.88 -15.34
C PHE B 373 41.65 -1.82 -16.64
N GLY B 374 42.24 -0.66 -16.95
CA GLY B 374 43.10 -0.60 -18.11
C GLY B 374 44.27 0.34 -17.97
N THR B 375 44.86 0.70 -19.11
CA THR B 375 46.06 1.56 -19.13
C THR B 375 45.71 3.02 -19.07
N GLY B 376 46.71 3.89 -19.23
CA GLY B 376 46.49 5.34 -19.08
C GLY B 376 45.81 5.96 -20.27
N ASP B 377 45.14 7.09 -20.06
CA ASP B 377 44.44 7.82 -21.14
C ASP B 377 43.19 7.04 -21.57
N ALA B 378 43.11 5.77 -21.18
CA ALA B 378 41.94 4.95 -21.52
C ALA B 378 40.80 5.32 -20.58
N LEU B 379 39.63 5.53 -21.14
CA LEU B 379 38.48 5.96 -20.30
C LEU B 379 37.39 4.90 -20.34
N MET B 380 36.51 4.93 -19.36
CA MET B 380 35.35 4.05 -19.38
C MET B 380 34.12 4.93 -19.27
N TYR B 381 33.06 4.55 -19.98
CA TYR B 381 31.82 5.29 -19.92
C TYR B 381 30.92 4.68 -18.86
N ARG B 382 30.30 5.52 -18.05
CA ARG B 382 29.41 5.07 -16.99
C ARG B 382 27.97 5.06 -17.49
N THR B 383 27.40 3.87 -17.66
CA THR B 383 26.11 3.82 -18.34
C THR B 383 24.98 4.27 -17.44
N GLY B 384 25.04 3.94 -16.15
CA GLY B 384 23.90 4.14 -15.30
C GLY B 384 22.87 3.04 -15.44
N ASP B 385 23.13 2.07 -16.30
CA ASP B 385 22.28 0.91 -16.47
C ASP B 385 22.75 -0.18 -15.52
N VAL B 386 21.81 -0.79 -14.82
CA VAL B 386 22.13 -1.92 -13.96
C VAL B 386 22.05 -3.19 -14.80
N VAL B 387 23.04 -4.07 -14.64
CA VAL B 387 23.08 -5.35 -15.32
C VAL B 387 23.48 -6.41 -14.31
N ARG B 388 23.36 -7.67 -14.73
CA ARG B 388 23.63 -8.86 -13.91
C ARG B 388 24.24 -9.90 -14.84
N MET B 389 25.33 -10.53 -14.40
CA MET B 389 26.00 -11.54 -15.22
C MET B 389 25.38 -12.91 -15.00
N ARG B 390 24.88 -13.53 -16.05
CA ARG B 390 24.32 -14.84 -15.73
C ARG B 390 25.35 -15.95 -15.90
N PRO B 391 25.07 -17.14 -15.33
CA PRO B 391 26.06 -18.24 -15.32
C PRO B 391 26.41 -18.87 -16.66
N ASP B 392 25.87 -18.42 -17.78
CA ASP B 392 26.40 -18.82 -19.06
C ASP B 392 27.33 -17.77 -19.67
N GLY B 393 27.53 -16.64 -18.99
CA GLY B 393 28.47 -15.64 -19.42
C GLY B 393 27.85 -14.51 -20.19
N ASP B 394 26.56 -14.59 -20.48
CA ASP B 394 25.83 -13.49 -21.08
C ASP B 394 25.40 -12.47 -20.02
N LEU B 395 25.23 -11.23 -20.43
CA LEU B 395 24.70 -10.22 -19.52
C LEU B 395 23.20 -10.07 -19.71
N GLU B 396 22.55 -9.67 -18.62
CA GLU B 396 21.11 -9.39 -18.56
C GLU B 396 20.91 -7.93 -18.19
N TYR B 397 20.09 -7.24 -18.97
CA TYR B 397 19.69 -5.92 -18.52
C TYR B 397 18.78 -6.05 -17.31
N VAL B 398 18.86 -5.07 -16.40
CA VAL B 398 18.05 -5.02 -15.19
C VAL B 398 17.21 -3.74 -15.13
N GLY B 399 17.82 -2.60 -15.42
CA GLY B 399 17.10 -1.35 -15.37
C GLY B 399 18.04 -0.24 -14.90
N ARG B 400 17.43 0.90 -14.55
CA ARG B 400 18.23 2.03 -14.12
C ARG B 400 18.68 1.84 -12.67
N ALA B 401 19.74 2.57 -12.30
CA ALA B 401 20.50 2.33 -11.08
C ALA B 401 19.64 2.32 -9.79
N LYS B 406 14.10 -1.97 1.49
CA LYS B 406 13.34 -1.18 0.51
C LYS B 406 11.95 -0.78 1.03
N LEU B 407 11.21 -1.75 1.55
CA LEU B 407 9.81 -1.54 1.93
C LEU B 407 9.49 -2.43 3.12
N HIS B 408 9.18 -1.81 4.27
CA HIS B 408 8.92 -2.53 5.51
C HIS B 408 10.01 -3.57 5.80
N GLY B 409 11.26 -3.21 5.49
CA GLY B 409 12.41 -4.00 5.91
C GLY B 409 12.93 -5.02 4.91
N PHE B 410 12.10 -5.47 3.97
CA PHE B 410 12.57 -6.35 2.91
C PHE B 410 13.00 -5.52 1.70
N ARG B 411 14.13 -5.89 1.09
CA ARG B 411 14.52 -5.34 -0.21
C ARG B 411 13.62 -5.97 -1.27
N VAL B 412 12.76 -5.19 -1.88
CA VAL B 412 11.85 -5.72 -2.89
C VAL B 412 12.55 -5.70 -4.25
N GLU B 413 12.42 -6.80 -4.99
CA GLU B 413 13.01 -6.90 -6.33
C GLU B 413 11.90 -6.67 -7.33
N LEU B 414 11.85 -5.45 -7.87
CA LEU B 414 10.82 -5.07 -8.82
C LEU B 414 10.89 -5.88 -10.10
N GLY B 415 12.06 -6.43 -10.44
CA GLY B 415 12.16 -7.28 -11.61
C GLY B 415 11.38 -8.55 -11.46
N GLU B 416 11.45 -9.15 -10.27
CA GLU B 416 10.69 -10.37 -10.01
C GLU B 416 9.18 -10.12 -10.07
N ILE B 417 8.74 -8.94 -9.63
CA ILE B 417 7.34 -8.53 -9.77
C ILE B 417 6.96 -8.39 -11.23
N GLU B 418 7.78 -7.65 -12.00
CA GLU B 418 7.51 -7.42 -13.42
C GLU B 418 7.44 -8.73 -14.20
N ALA B 419 8.33 -9.67 -13.89
CA ALA B 419 8.29 -10.97 -14.54
C ALA B 419 6.97 -11.68 -14.27
N ALA B 420 6.52 -11.70 -13.02
CA ALA B 420 5.27 -12.36 -12.69
C ALA B 420 4.14 -11.82 -13.56
N LEU B 421 4.00 -10.49 -13.62
CA LEU B 421 2.97 -9.89 -14.46
C LEU B 421 3.11 -10.33 -15.90
N GLU B 422 4.36 -10.50 -16.37
CA GLU B 422 4.62 -10.84 -17.76
C GLU B 422 4.31 -12.30 -18.11
N ARG B 423 4.10 -13.19 -17.13
CA ARG B 423 3.71 -14.56 -17.41
C ARG B 423 2.30 -14.64 -18.03
N SER B 424 1.48 -13.62 -17.79
CA SER B 424 0.13 -13.55 -18.31
C SER B 424 0.13 -13.31 -19.82
N GLU B 425 -0.86 -13.87 -20.52
CA GLU B 425 -0.91 -13.67 -21.98
C GLU B 425 -1.34 -12.27 -22.38
N ASP B 426 -2.02 -11.51 -21.51
CA ASP B 426 -2.52 -10.20 -21.86
C ASP B 426 -1.50 -9.07 -21.66
N VAL B 427 -0.32 -9.37 -21.12
CA VAL B 427 0.69 -8.37 -20.78
C VAL B 427 1.85 -8.47 -21.76
N ASP B 428 2.21 -7.34 -22.39
CA ASP B 428 3.44 -7.25 -23.16
C ASP B 428 4.61 -6.81 -22.29
N GLN B 429 4.44 -5.71 -21.57
CA GLN B 429 5.50 -5.21 -20.73
C GLN B 429 4.93 -4.81 -19.39
N ALA B 430 5.77 -4.85 -18.37
CA ALA B 430 5.39 -4.48 -17.03
C ALA B 430 6.53 -3.72 -16.37
N SER B 431 6.21 -2.57 -15.78
CA SER B 431 7.10 -1.85 -14.88
C SER B 431 6.48 -1.84 -13.49
N ALA B 432 7.32 -2.01 -12.47
CA ALA B 432 6.90 -2.03 -11.08
C ALA B 432 7.77 -1.07 -10.29
N THR B 433 7.15 -0.31 -9.40
CA THR B 433 7.83 0.77 -8.69
C THR B 433 7.18 0.95 -7.32
N VAL B 434 7.94 1.50 -6.39
CA VAL B 434 7.40 1.89 -5.09
C VAL B 434 7.22 3.41 -5.15
N ARG B 435 5.97 3.83 -5.30
CA ARG B 435 5.67 5.27 -5.41
C ARG B 435 5.53 5.88 -4.02
N GLU B 436 5.59 7.21 -3.94
CA GLU B 436 5.40 7.90 -2.64
C GLU B 436 4.17 8.80 -2.76
N ASP B 437 4.19 9.75 -3.69
CA ASP B 437 3.06 10.72 -3.84
C ASP B 437 2.93 11.48 -2.52
N ARG B 438 1.78 11.39 -1.84
CA ARG B 438 1.67 12.02 -0.51
C ARG B 438 2.84 11.50 0.33
N PRO B 439 3.46 12.32 1.22
CA PRO B 439 4.67 11.88 1.90
C PRO B 439 4.36 10.87 3.00
N GLY B 440 5.17 9.81 3.06
CA GLY B 440 4.99 8.73 4.02
C GLY B 440 4.14 7.56 3.55
N ASP B 441 3.45 7.67 2.42
CA ASP B 441 2.55 6.64 1.89
C ASP B 441 3.21 5.93 0.71
N ARG B 442 4.07 4.96 1.01
CA ARG B 442 4.80 4.20 0.01
C ARG B 442 3.94 3.02 -0.44
N ARG B 443 3.33 3.13 -1.62
CA ARG B 443 2.53 2.06 -2.19
C ARG B 443 3.29 1.43 -3.36
N LEU B 444 3.34 0.11 -3.38
CA LEU B 444 3.90 -0.63 -4.50
C LEU B 444 2.88 -0.64 -5.62
N VAL B 445 3.14 0.07 -6.70
CA VAL B 445 2.23 0.13 -7.84
C VAL B 445 2.92 -0.46 -9.04
N ALA B 446 2.13 -1.09 -9.91
CA ALA B 446 2.65 -1.70 -11.12
C ALA B 446 1.86 -1.20 -12.32
N TYR B 447 2.58 -1.07 -13.44
CA TYR B 447 1.99 -0.70 -14.71
C TYR B 447 2.17 -1.86 -15.68
N VAL B 448 1.21 -2.01 -16.60
CA VAL B 448 1.27 -3.08 -17.59
C VAL B 448 0.73 -2.53 -18.89
N THR B 449 1.09 -3.21 -19.98
CA THR B 449 0.68 -2.83 -21.34
C THR B 449 0.12 -4.06 -22.04
N ALA B 450 -0.79 -3.82 -22.97
CA ALA B 450 -1.53 -4.91 -23.59
C ALA B 450 -0.67 -5.68 -24.60
N ALA B 451 -0.76 -7.01 -24.55
CA ALA B 451 -0.30 -7.79 -25.69
C ALA B 451 -1.24 -7.53 -26.87
N THR B 452 -0.72 -7.72 -28.07
CA THR B 452 -1.52 -7.45 -29.26
C THR B 452 -2.76 -8.35 -29.28
N GLY B 453 -3.92 -7.72 -29.37
CA GLY B 453 -5.17 -8.46 -29.42
C GLY B 453 -5.70 -8.93 -28.08
N ARG B 454 -5.19 -8.32 -27.01
CA ARG B 454 -5.57 -8.77 -25.66
C ARG B 454 -5.95 -7.56 -24.81
N VAL B 455 -6.70 -7.80 -23.73
CA VAL B 455 -7.07 -6.70 -22.79
C VAL B 455 -6.74 -7.17 -21.37
N PRO B 456 -5.71 -6.58 -20.72
CA PRO B 456 -5.31 -7.02 -19.40
C PRO B 456 -6.31 -6.68 -18.32
N ASP B 457 -6.83 -7.69 -17.61
CA ASP B 457 -7.72 -7.42 -16.49
C ASP B 457 -6.86 -7.16 -15.25
N VAL B 458 -6.86 -5.91 -14.79
CA VAL B 458 -5.96 -5.52 -13.71
C VAL B 458 -6.21 -6.34 -12.45
N ARG B 459 -7.45 -6.74 -12.19
CA ARG B 459 -7.71 -7.60 -11.04
C ARG B 459 -7.14 -8.99 -11.25
N GLU B 460 -7.44 -9.63 -12.40
CA GLU B 460 -6.84 -10.93 -12.68
C GLU B 460 -5.34 -10.87 -12.52
N LEU B 461 -4.73 -9.75 -12.91
CA LEU B 461 -3.29 -9.59 -12.84
C LEU B 461 -2.80 -9.50 -11.40
N ARG B 462 -3.32 -8.52 -10.64
CA ARG B 462 -2.97 -8.43 -9.23
C ARG B 462 -3.28 -9.73 -8.51
N ASN B 463 -4.46 -10.31 -8.76
CA ASN B 463 -4.82 -11.56 -8.12
C ASN B 463 -3.82 -12.66 -8.44
N PHE B 464 -3.26 -12.64 -9.65
CA PHE B 464 -2.29 -13.68 -10.01
C PHE B 464 -0.99 -13.50 -9.24
N VAL B 465 -0.42 -12.29 -9.29
CA VAL B 465 0.81 -12.03 -8.54
C VAL B 465 0.64 -12.47 -7.09
N ALA B 466 -0.49 -12.09 -6.48
CA ALA B 466 -0.77 -12.47 -5.09
C ALA B 466 -0.77 -13.98 -4.90
N GLN B 467 -1.27 -14.74 -5.88
CA GLN B 467 -1.22 -16.19 -5.76
C GLN B 467 0.21 -16.72 -5.83
N THR B 468 1.12 -16.02 -6.52
CA THR B 468 2.43 -16.60 -6.79
C THR B 468 3.63 -15.91 -6.15
N LEU B 469 3.50 -14.69 -5.64
CA LEU B 469 4.67 -14.00 -5.09
C LEU B 469 4.57 -13.85 -3.57
N PRO B 470 5.68 -13.56 -2.90
CA PRO B 470 5.62 -13.22 -1.47
C PRO B 470 4.67 -12.07 -1.21
N LEU B 471 4.11 -12.05 0.02
CA LEU B 471 3.09 -11.07 0.38
C LEU B 471 3.59 -9.64 0.20
N TYR B 472 4.82 -9.36 0.60
CA TYR B 472 5.28 -7.99 0.61
C TYR B 472 5.68 -7.49 -0.77
N MET B 473 5.69 -8.35 -1.78
CA MET B 473 5.98 -7.95 -3.14
C MET B 473 4.73 -7.85 -4.01
N VAL B 474 3.55 -7.80 -3.42
CA VAL B 474 2.31 -7.81 -4.19
C VAL B 474 1.86 -6.37 -4.38
N PRO B 475 1.90 -5.83 -5.61
CA PRO B 475 1.42 -4.46 -5.86
C PRO B 475 0.09 -4.16 -5.23
N THR B 476 0.03 -3.10 -4.41
CA THR B 476 -1.24 -2.72 -3.86
C THR B 476 -2.14 -2.06 -4.90
N ALA B 477 -1.61 -1.75 -6.09
CA ALA B 477 -2.43 -1.29 -7.21
C ALA B 477 -1.75 -1.67 -8.52
N VAL B 478 -2.54 -1.72 -9.58
CA VAL B 478 -2.04 -2.16 -10.89
C VAL B 478 -2.79 -1.37 -11.96
N VAL B 479 -2.05 -0.76 -12.90
CA VAL B 479 -2.62 0.16 -13.88
C VAL B 479 -2.32 -0.32 -15.30
N ALA B 480 -3.37 -0.52 -16.07
CA ALA B 480 -3.18 -0.79 -17.48
C ALA B 480 -2.83 0.49 -18.23
N LEU B 481 -2.02 0.35 -19.27
CA LEU B 481 -1.61 1.46 -20.14
C LEU B 481 -1.74 1.05 -21.59
N GLU B 482 -1.96 2.06 -22.44
CA GLU B 482 -1.89 1.85 -23.88
C GLU B 482 -0.47 1.48 -24.28
N GLU B 483 0.48 2.37 -23.97
CA GLU B 483 1.87 2.23 -24.35
C GLU B 483 2.74 2.67 -23.19
N PHE B 484 3.97 2.18 -23.15
CA PHE B 484 4.91 2.63 -22.15
C PHE B 484 5.64 3.87 -22.63
N PRO B 485 5.53 4.99 -21.92
CA PRO B 485 6.35 6.16 -22.25
C PRO B 485 7.83 5.80 -22.26
N LEU B 486 8.55 6.28 -23.26
CA LEU B 486 9.99 6.06 -23.36
C LEU B 486 10.71 7.40 -23.49
N THR B 487 11.87 7.50 -22.84
CA THR B 487 12.73 8.67 -22.97
C THR B 487 13.22 8.78 -24.41
N PRO B 488 13.87 9.90 -24.77
CA PRO B 488 14.47 9.97 -26.11
C PRO B 488 15.44 8.84 -26.41
N ASN B 489 16.23 8.38 -25.43
CA ASN B 489 17.17 7.30 -25.69
C ASN B 489 16.52 5.91 -25.68
N GLY B 490 15.23 5.80 -25.32
CA GLY B 490 14.52 4.54 -25.41
C GLY B 490 14.31 3.80 -24.12
N LYS B 491 14.80 4.33 -23.00
CA LYS B 491 14.51 3.72 -21.70
C LYS B 491 13.08 4.02 -21.29
N LEU B 492 12.63 3.34 -20.23
CA LEU B 492 11.31 3.63 -19.70
C LEU B 492 11.32 5.01 -19.07
N ASP B 493 10.39 5.85 -19.53
CA ASP B 493 10.14 7.17 -18.96
C ASP B 493 9.45 7.00 -17.61
N ARG B 494 10.21 6.58 -16.59
CA ARG B 494 9.65 6.23 -15.29
C ARG B 494 8.87 7.40 -14.69
N LYS B 495 9.40 8.61 -14.82
CA LYS B 495 8.72 9.79 -14.27
C LYS B 495 7.54 10.26 -15.11
N ALA B 496 7.26 9.63 -16.26
CA ALA B 496 6.09 9.96 -17.06
C ALA B 496 4.95 8.97 -16.86
N LEU B 497 5.03 8.12 -15.84
CA LEU B 497 3.98 7.15 -15.57
C LEU B 497 2.92 7.79 -14.69
N PRO B 498 1.64 7.61 -15.02
CA PRO B 498 0.59 8.29 -14.25
C PRO B 498 0.60 7.81 -12.81
N ALA B 499 0.21 8.70 -11.91
CA ALA B 499 -0.12 8.27 -10.56
C ALA B 499 -1.45 7.52 -10.58
N PRO B 500 -1.65 6.56 -9.67
CA PRO B 500 -2.93 5.81 -9.66
C PRO B 500 -4.05 6.63 -9.03
N VAL B 501 -5.27 6.36 -9.49
CA VAL B 501 -6.38 7.31 -9.36
C VAL B 501 -7.03 7.37 -7.96
#